data_1XOT
#
_entry.id   1XOT
#
_cell.length_a   89.841
_cell.length_b   94.423
_cell.length_c   108.755
_cell.angle_alpha   90.00
_cell.angle_beta   90.00
_cell.angle_gamma   90.00
#
_symmetry.space_group_name_H-M   'P 21 21 21'
#
loop_
_entity.id
_entity.type
_entity.pdbx_description
1 polymer "cAMP-specific 3',5'-cyclic phosphodiesterase 4B"
2 non-polymer 'ZINC ION'
3 non-polymer 'MAGNESIUM ION'
4 non-polymer 2-{2-ETHOXY-5-[(4-ETHYLPIPERAZIN-1-YL)SULFONYL]PHENYL}-5-METHYL-7-PROPYLIMIDAZO[5,1-F][1,2,4]TRIAZIN-4(1H)-ONE
5 water water
#
_entity_poly.entity_id   1
_entity_poly.type   'polypeptide(L)'
_entity_poly.pdbx_seq_one_letter_code
;MGSSHHHHHHSSGLVPRGSHMSISRFGVNTENEDHLAKELEDLNKWGLNIFNVAGYSHNRPLT(CME)IMYAIFQERDLL
KTFRISSDTFITYMMTLEDHYHSDVAYHNSLHAADVAQSTHVLLSTPALDAVFTDLEILAAIFAAAIHDVDHPGVSNQFL
INTNSELALMYNDESVLENHHLAVGFKLLQEEHCDIFMNLTKKQRQTLRKMVIDMVLATDMSKHMSLLADLKTMVETKKV
TSSGVLLLDNYTDRIQVLRNMVHCADLSNPTKSLELYRQWTDRIMEEFFQQGDKERERGMEISPMCDKHTASVEKSQVGF
IDYIVHPLWETWADLVQPDAQDILDTLEDNRNWYQSMIPQSPSPPLDEQNRDCQGLMEKFQFELTLDEEDSEGPEKEGEG
HS
;
_entity_poly.pdbx_strand_id   B,A
#
loop_
_chem_comp.id
_chem_comp.type
_chem_comp.name
_chem_comp.formula
MG non-polymer 'MAGNESIUM ION' 'Mg 2'
VDN non-polymer 2-{2-ETHOXY-5-[(4-ETHYLPIPERAZIN-1-YL)SULFONYL]PHENYL}-5-METHYL-7-PROPYLIMIDAZO[5,1-F][1,2,4]TRIAZIN-4(1H)-ONE 'C23 H32 N6 O4 S'
ZN non-polymer 'ZINC ION' 'Zn 2'
#
# COMPACT_ATOMS: atom_id res chain seq x y z
N GLU A 33 12.44 -41.27 2.31
CA GLU A 33 13.05 -42.56 2.74
C GLU A 33 13.65 -42.41 4.16
N ASP A 34 14.53 -43.33 4.56
CA ASP A 34 15.27 -43.16 5.81
C ASP A 34 16.20 -41.93 5.70
N HIS A 35 16.55 -41.52 4.47
CA HIS A 35 17.44 -40.38 4.24
C HIS A 35 16.78 -39.06 4.67
N LEU A 36 15.48 -38.96 4.40
CA LEU A 36 14.73 -37.76 4.73
C LEU A 36 14.62 -37.63 6.24
N ALA A 37 14.29 -38.74 6.89
CA ALA A 37 14.15 -38.77 8.35
C ALA A 37 15.48 -38.39 9.01
N LYS A 38 16.58 -38.86 8.44
CA LYS A 38 17.91 -38.55 9.00
C LYS A 38 18.20 -37.07 8.80
N GLU A 39 17.80 -36.53 7.65
CA GLU A 39 18.02 -35.13 7.35
C GLU A 39 17.23 -34.21 8.27
N LEU A 40 15.99 -34.59 8.58
CA LEU A 40 15.12 -33.80 9.47
C LEU A 40 15.51 -33.85 10.96
N GLU A 41 16.51 -34.63 11.33
CA GLU A 41 17.06 -34.57 12.69
C GLU A 41 17.67 -33.16 12.90
N ASP A 42 18.06 -32.47 11.80
CA ASP A 42 18.61 -31.12 11.83
C ASP A 42 17.50 -30.02 11.69
N LEU A 43 16.23 -30.42 11.79
CA LEU A 43 15.10 -29.48 11.70
C LEU A 43 15.21 -28.21 12.57
N ASN A 44 15.56 -28.39 13.84
CA ASN A 44 15.71 -27.29 14.80
C ASN A 44 17.09 -26.61 14.70
N LYS A 45 17.93 -26.99 13.73
CA LYS A 45 19.28 -26.45 13.60
C LYS A 45 19.51 -25.60 12.36
N TRP A 46 20.43 -24.67 12.47
CA TRP A 46 20.85 -23.83 11.35
C TRP A 46 21.48 -24.60 10.20
N GLY A 47 22.12 -25.72 10.53
CA GLY A 47 22.81 -26.53 9.56
C GLY A 47 21.93 -27.38 8.65
N LEU A 48 20.60 -27.34 8.83
CA LEU A 48 19.71 -28.09 7.95
C LEU A 48 20.06 -27.82 6.49
N ASN A 49 20.04 -28.88 5.70
CA ASN A 49 20.29 -28.77 4.27
C ASN A 49 18.97 -29.03 3.54
N ILE A 50 18.36 -27.93 3.10
CA ILE A 50 17.08 -27.93 2.42
C ILE A 50 17.15 -28.46 0.99
N PHE A 51 18.32 -28.51 0.38
CA PHE A 51 18.39 -29.14 -0.93
C PHE A 51 18.18 -30.64 -0.74
N ASN A 52 18.83 -31.21 0.27
CA ASN A 52 18.64 -32.62 0.56
C ASN A 52 17.17 -33.00 0.79
N VAL A 53 16.47 -32.26 1.64
CA VAL A 53 15.06 -32.61 1.91
C VAL A 53 14.26 -32.47 0.62
N ALA A 54 14.59 -31.47 -0.22
CA ALA A 54 13.91 -31.31 -1.50
C ALA A 54 13.96 -32.64 -2.24
N GLY A 55 15.18 -33.17 -2.39
CA GLY A 55 15.44 -34.45 -3.06
C GLY A 55 14.73 -35.66 -2.50
N TYR A 56 14.60 -35.77 -1.18
CA TYR A 56 13.93 -36.92 -0.55
C TYR A 56 12.44 -36.67 -0.25
N SER A 57 11.79 -35.74 -0.95
CA SER A 57 10.38 -35.43 -0.69
C SER A 57 9.53 -35.09 -1.95
N HIS A 58 9.87 -35.73 -3.07
CA HIS A 58 9.19 -35.51 -4.35
C HIS A 58 9.22 -34.07 -4.74
N ASN A 59 10.37 -33.44 -4.59
CA ASN A 59 10.50 -32.02 -4.89
C ASN A 59 9.34 -31.19 -4.30
N ARG A 60 9.03 -31.42 -3.02
CA ARG A 60 8.01 -30.65 -2.33
C ARG A 60 8.57 -30.21 -0.93
N PRO A 61 9.73 -29.54 -0.97
CA PRO A 61 10.40 -29.06 0.25
C PRO A 61 9.53 -28.23 1.16
N LEU A 62 8.75 -27.33 0.58
CA LEU A 62 7.94 -26.45 1.39
C LEU A 62 6.89 -27.19 2.18
N THR A 63 6.20 -28.12 1.52
CA THR A 63 5.17 -28.91 2.17
C THR A 63 5.82 -29.72 3.31
N CME A 64 6.78 -30.60 3.04
CA CME A 64 7.71 -31.29 3.86
CB CME A 64 8.89 -31.92 3.19
SG CME A 64 9.41 -33.15 4.38
SD CME A 64 8.01 -34.67 4.71
CE CME A 64 8.03 -35.29 6.38
CZ CME A 64 7.38 -34.29 7.31
OH CME A 64 7.59 -34.36 8.52
C CME A 64 8.10 -30.59 5.16
O CME A 64 7.53 -30.87 6.25
N ILE A 65 8.87 -29.50 4.98
CA ILE A 65 9.36 -28.67 6.09
C ILE A 65 8.29 -27.94 6.92
N MET A 66 7.19 -27.54 6.30
CA MET A 66 6.13 -26.87 7.04
C MET A 66 5.39 -27.84 7.96
N TYR A 67 5.18 -29.05 7.46
CA TYR A 67 4.47 -30.11 8.22
C TYR A 67 5.32 -30.49 9.45
N ALA A 68 6.62 -30.67 9.19
CA ALA A 68 7.62 -31.00 10.19
C ALA A 68 7.74 -29.93 11.28
N ILE A 69 7.64 -28.66 10.89
CA ILE A 69 7.72 -27.57 11.86
C ILE A 69 6.44 -27.51 12.69
N PHE A 70 5.29 -27.64 12.04
CA PHE A 70 4.02 -27.59 12.79
C PHE A 70 3.83 -28.71 13.80
N GLN A 71 4.39 -29.88 13.53
CA GLN A 71 4.31 -30.99 14.47
C GLN A 71 5.30 -30.76 15.59
N GLU A 72 6.54 -30.40 15.22
CA GLU A 72 7.56 -30.10 16.20
C GLU A 72 7.05 -29.11 17.26
N ARG A 73 6.25 -28.13 16.84
CA ARG A 73 5.76 -27.06 17.71
C ARG A 73 4.36 -27.25 18.21
N ASP A 74 3.80 -28.40 17.84
CA ASP A 74 2.45 -28.77 18.23
C ASP A 74 1.40 -27.71 17.86
N LEU A 75 1.63 -27.00 16.76
CA LEU A 75 0.70 -25.98 16.29
C LEU A 75 -0.66 -26.59 15.85
N LEU A 76 -0.59 -27.69 15.12
CA LEU A 76 -1.81 -28.36 14.67
C LEU A 76 -2.74 -28.62 15.85
N LYS A 77 -2.22 -29.27 16.90
CA LYS A 77 -3.05 -29.53 18.05
C LYS A 77 -3.55 -28.23 18.72
N THR A 78 -2.67 -27.25 18.82
CA THR A 78 -2.99 -25.97 19.50
C THR A 78 -4.08 -25.10 18.86
N PHE A 79 -4.12 -25.08 17.53
CA PHE A 79 -5.06 -24.24 16.80
C PHE A 79 -6.11 -25.07 16.10
N ARG A 80 -6.22 -26.33 16.54
CA ARG A 80 -7.18 -27.30 16.02
C ARG A 80 -7.24 -27.23 14.49
N ILE A 81 -6.04 -27.25 13.90
CA ILE A 81 -5.87 -27.28 12.47
C ILE A 81 -5.90 -28.73 12.06
N SER A 82 -6.84 -29.06 11.18
CA SER A 82 -6.91 -30.39 10.59
C SER A 82 -5.63 -30.68 9.79
N SER A 83 -5.14 -31.90 9.88
CA SER A 83 -3.95 -32.38 9.15
C SER A 83 -4.17 -32.36 7.62
N ASP A 84 -5.36 -32.80 7.22
CA ASP A 84 -5.76 -32.90 5.82
C ASP A 84 -5.71 -31.50 5.23
N THR A 85 -6.50 -30.62 5.84
CA THR A 85 -6.61 -29.22 5.43
C THR A 85 -5.25 -28.55 5.34
N PHE A 86 -4.36 -28.83 6.29
CA PHE A 86 -3.02 -28.21 6.31
C PHE A 86 -2.14 -28.64 5.11
N ILE A 87 -2.23 -29.93 4.74
CA ILE A 87 -1.43 -30.46 3.65
C ILE A 87 -1.95 -29.93 2.33
N THR A 88 -3.27 -29.89 2.17
CA THR A 88 -3.91 -29.40 0.95
C THR A 88 -3.52 -27.95 0.65
N TYR A 89 -3.52 -27.11 1.70
CA TYR A 89 -3.16 -25.71 1.58
C TYR A 89 -1.72 -25.55 1.15
N MET A 90 -0.84 -26.35 1.75
CA MET A 90 0.62 -26.25 1.54
C MET A 90 1.09 -26.79 0.21
N MET A 91 0.38 -27.78 -0.29
CA MET A 91 0.67 -28.32 -1.61
C MET A 91 0.24 -27.31 -2.67
N THR A 92 -0.92 -26.69 -2.46
CA THR A 92 -1.44 -25.69 -3.37
C THR A 92 -0.53 -24.47 -3.36
N LEU A 93 -0.09 -24.13 -2.16
CA LEU A 93 0.76 -22.98 -1.97
C LEU A 93 2.10 -23.20 -2.63
N GLU A 94 2.64 -24.40 -2.44
CA GLU A 94 3.93 -24.78 -3.03
C GLU A 94 3.82 -24.70 -4.56
N ASP A 95 2.67 -25.14 -5.06
CA ASP A 95 2.39 -25.14 -6.49
C ASP A 95 2.26 -23.77 -7.15
N HIS A 96 1.97 -22.75 -6.33
CA HIS A 96 1.87 -21.37 -6.78
C HIS A 96 3.23 -20.67 -6.82
N TYR A 97 4.29 -21.26 -6.26
CA TYR A 97 5.65 -20.78 -6.51
C TYR A 97 5.90 -21.39 -7.87
N HIS A 98 6.72 -20.74 -8.69
CA HIS A 98 7.08 -21.19 -10.03
C HIS A 98 8.35 -22.01 -10.01
N SER A 99 8.33 -23.20 -10.58
CA SER A 99 9.55 -24.04 -10.68
C SER A 99 10.62 -23.55 -11.68
N ASP A 100 10.20 -22.81 -12.69
CA ASP A 100 11.14 -22.34 -13.73
C ASP A 100 11.88 -21.04 -13.33
N VAL A 101 11.78 -20.65 -12.07
CA VAL A 101 12.45 -19.46 -11.56
C VAL A 101 13.62 -19.92 -10.71
N ALA A 102 14.82 -19.51 -11.09
CA ALA A 102 16.04 -19.98 -10.46
C ALA A 102 16.17 -19.88 -8.92
N TYR A 103 15.69 -18.80 -8.33
CA TYR A 103 15.85 -18.59 -6.90
C TYR A 103 14.52 -18.51 -6.14
N HIS A 104 13.57 -17.75 -6.63
CA HIS A 104 12.33 -17.52 -5.92
C HIS A 104 11.24 -18.59 -6.10
N ASN A 105 11.65 -19.87 -5.99
CA ASN A 105 10.81 -21.04 -6.09
C ASN A 105 10.50 -21.56 -4.67
N SER A 106 9.87 -22.73 -4.55
CA SER A 106 9.38 -23.21 -3.25
C SER A 106 10.51 -23.58 -2.32
N LEU A 107 11.69 -23.89 -2.87
CA LEU A 107 12.85 -24.21 -2.05
C LEU A 107 13.28 -23.03 -1.19
N HIS A 108 13.25 -21.82 -1.75
CA HIS A 108 13.65 -20.60 -1.04
C HIS A 108 12.62 -20.31 0.07
N ALA A 109 11.32 -20.46 -0.21
CA ALA A 109 10.30 -20.33 0.86
C ALA A 109 10.54 -21.35 2.02
N ALA A 110 10.97 -22.54 1.63
CA ALA A 110 11.11 -23.63 2.60
C ALA A 110 12.26 -23.31 3.52
N ASP A 111 13.31 -22.78 2.93
CA ASP A 111 14.47 -22.34 3.64
C ASP A 111 14.14 -21.19 4.58
N VAL A 112 13.39 -20.22 4.09
CA VAL A 112 13.05 -19.07 4.90
C VAL A 112 12.17 -19.55 6.08
N ALA A 113 11.22 -20.44 5.82
CA ALA A 113 10.40 -20.96 6.90
C ALA A 113 11.22 -21.68 7.97
N GLN A 114 12.14 -22.54 7.56
CA GLN A 114 12.89 -23.33 8.52
C GLN A 114 13.90 -22.46 9.30
N SER A 115 14.49 -21.49 8.61
CA SER A 115 15.36 -20.51 9.20
C SER A 115 14.59 -19.63 10.23
N THR A 116 13.37 -19.26 9.91
CA THR A 116 12.53 -18.53 10.86
C THR A 116 12.20 -19.39 12.10
N HIS A 117 11.97 -20.66 11.86
CA HIS A 117 11.68 -21.63 12.92
C HIS A 117 12.86 -21.75 13.92
N VAL A 118 14.09 -21.65 13.43
CA VAL A 118 15.27 -21.72 14.29
C VAL A 118 15.45 -20.44 15.08
N LEU A 119 15.23 -19.31 14.44
CA LEU A 119 15.41 -18.00 15.09
C LEU A 119 14.38 -17.79 16.19
N LEU A 120 13.18 -18.28 15.98
CA LEU A 120 12.15 -18.17 16.99
C LEU A 120 12.51 -18.91 18.26
N SER A 121 13.42 -19.89 18.18
CA SER A 121 13.84 -20.73 19.33
C SER A 121 15.08 -20.23 20.02
N THR A 122 15.68 -19.16 19.50
CA THR A 122 16.91 -18.63 20.09
C THR A 122 16.68 -18.29 21.59
N PRO A 123 17.61 -18.67 22.47
CA PRO A 123 17.44 -18.47 23.91
C PRO A 123 17.01 -17.09 24.37
N ALA A 124 17.49 -16.01 23.76
CA ALA A 124 17.14 -14.66 24.22
C ALA A 124 15.65 -14.31 24.00
N LEU A 125 14.94 -15.09 23.18
CA LEU A 125 13.53 -14.88 22.92
C LEU A 125 12.66 -15.97 23.54
N ASP A 126 13.21 -16.69 24.49
CA ASP A 126 12.47 -17.77 25.13
C ASP A 126 11.18 -17.28 25.83
N ALA A 127 10.02 -17.80 25.39
CA ALA A 127 8.70 -17.49 25.96
C ALA A 127 8.22 -16.04 25.79
N VAL A 128 8.89 -15.30 24.90
CA VAL A 128 8.52 -13.91 24.62
C VAL A 128 7.31 -13.81 23.67
N PHE A 129 7.19 -14.74 22.73
CA PHE A 129 6.06 -14.74 21.80
C PHE A 129 4.91 -15.69 22.15
N THR A 130 3.68 -15.30 21.83
CA THR A 130 2.55 -16.20 21.99
C THR A 130 2.63 -17.21 20.84
N ASP A 131 1.93 -18.33 20.98
CA ASP A 131 1.85 -19.32 19.90
C ASP A 131 1.23 -18.72 18.62
N LEU A 132 0.33 -17.74 18.77
CA LEU A 132 -0.30 -17.10 17.61
C LEU A 132 0.72 -16.28 16.81
N GLU A 133 1.70 -15.71 17.46
CA GLU A 133 2.74 -14.92 16.84
C GLU A 133 3.79 -15.80 16.18
N ILE A 134 4.02 -16.99 16.77
CA ILE A 134 4.97 -17.97 16.23
C ILE A 134 4.38 -18.52 14.94
N LEU A 135 3.11 -18.88 15.00
CA LEU A 135 2.35 -19.36 13.83
C LEU A 135 2.36 -18.35 12.67
N ALA A 136 2.04 -17.10 12.99
CA ALA A 136 2.00 -16.05 11.99
C ALA A 136 3.37 -15.89 11.30
N ALA A 137 4.43 -15.94 12.07
CA ALA A 137 5.77 -15.76 11.58
C ALA A 137 6.21 -16.85 10.62
N ILE A 138 5.93 -18.10 10.96
CA ILE A 138 6.29 -19.19 10.10
C ILE A 138 5.36 -19.29 8.89
N PHE A 139 4.13 -18.82 9.01
CA PHE A 139 3.18 -18.84 7.90
C PHE A 139 3.59 -17.70 6.98
N ALA A 140 4.05 -16.59 7.54
CA ALA A 140 4.57 -15.48 6.74
C ALA A 140 5.74 -15.90 5.88
N ALA A 141 6.71 -16.59 6.47
CA ALA A 141 7.91 -17.03 5.72
C ALA A 141 7.54 -17.96 4.56
N ALA A 142 6.55 -18.82 4.78
CA ALA A 142 6.12 -19.75 3.74
C ALA A 142 5.49 -19.07 2.51
N ILE A 143 4.64 -18.06 2.76
CA ILE A 143 3.99 -17.36 1.67
C ILE A 143 4.72 -16.12 1.17
N HIS A 144 5.86 -15.79 1.78
CA HIS A 144 6.47 -14.49 1.53
C HIS A 144 6.90 -14.16 0.10
N ASP A 145 7.07 -15.14 -0.76
CA ASP A 145 7.45 -14.86 -2.18
C ASP A 145 6.60 -15.64 -3.17
N VAL A 146 5.42 -16.10 -2.72
CA VAL A 146 4.58 -16.98 -3.53
C VAL A 146 4.16 -16.28 -4.83
N ASP A 147 4.25 -17.02 -5.92
CA ASP A 147 3.95 -16.52 -7.26
C ASP A 147 4.90 -15.40 -7.75
N HIS A 148 6.13 -15.45 -7.29
CA HIS A 148 7.19 -14.52 -7.74
C HIS A 148 7.51 -14.84 -9.18
N PRO A 149 7.53 -13.84 -10.06
CA PRO A 149 7.81 -14.05 -11.48
C PRO A 149 9.27 -14.06 -11.84
N GLY A 150 10.15 -14.00 -10.86
CA GLY A 150 11.58 -13.96 -11.18
C GLY A 150 12.14 -12.63 -11.62
N VAL A 151 11.41 -11.55 -11.42
CA VAL A 151 11.93 -10.19 -11.75
C VAL A 151 11.60 -9.27 -10.57
N SER A 152 12.28 -8.15 -10.50
CA SER A 152 12.16 -7.23 -9.35
C SER A 152 11.01 -6.22 -9.46
N ASN A 153 10.64 -5.64 -8.32
CA ASN A 153 9.62 -4.58 -8.27
C ASN A 153 9.95 -3.50 -9.29
N GLN A 154 11.20 -3.05 -9.31
CA GLN A 154 11.63 -2.00 -10.24
C GLN A 154 11.42 -2.39 -11.73
N PHE A 155 11.69 -3.63 -12.09
CA PHE A 155 11.41 -4.11 -13.45
C PHE A 155 9.91 -4.07 -13.82
N LEU A 156 9.06 -4.44 -12.88
CA LEU A 156 7.62 -4.44 -13.09
C LEU A 156 7.07 -3.04 -13.20
N ILE A 157 7.71 -2.07 -12.54
CA ILE A 157 7.31 -0.67 -12.59
C ILE A 157 7.73 -0.04 -13.91
N ASN A 158 8.99 -0.25 -14.29
CA ASN A 158 9.52 0.30 -15.53
C ASN A 158 8.89 -0.23 -16.83
N THR A 159 8.42 -1.47 -16.82
CA THR A 159 7.76 -2.07 -17.98
C THR A 159 6.26 -1.94 -17.92
N ASN A 160 5.72 -1.21 -16.93
CA ASN A 160 4.28 -0.98 -16.81
C ASN A 160 3.50 -2.26 -16.83
N SER A 161 3.74 -3.15 -15.86
CA SER A 161 3.07 -4.42 -15.82
C SER A 161 1.80 -4.27 -15.05
N GLU A 162 0.90 -5.22 -15.27
CA GLU A 162 -0.41 -5.21 -14.61
C GLU A 162 -0.29 -5.12 -13.10
N LEU A 163 0.71 -5.79 -12.53
CA LEU A 163 0.94 -5.78 -11.09
C LEU A 163 1.35 -4.38 -10.60
N ALA A 164 2.27 -3.73 -11.29
CA ALA A 164 2.69 -2.39 -10.88
C ALA A 164 1.49 -1.43 -10.96
N LEU A 165 0.63 -1.61 -11.95
CA LEU A 165 -0.58 -0.80 -12.10
C LEU A 165 -1.58 -1.08 -10.99
N MET A 166 -1.74 -2.34 -10.65
CA MET A 166 -2.64 -2.77 -9.62
C MET A 166 -2.27 -2.20 -8.25
N TYR A 167 -0.98 -2.23 -7.96
CA TYR A 167 -0.43 -1.87 -6.68
C TYR A 167 0.17 -0.47 -6.63
N ASN A 168 0.00 0.29 -7.68
CA ASN A 168 0.47 1.68 -7.68
C ASN A 168 1.93 1.83 -7.27
N ASP A 169 2.79 0.97 -7.83
CA ASP A 169 4.25 1.00 -7.65
C ASP A 169 4.80 0.81 -6.22
N GLU A 170 3.95 0.60 -5.21
CA GLU A 170 4.40 0.45 -3.81
C GLU A 170 4.38 -1.03 -3.37
N SER A 171 5.55 -1.54 -2.98
CA SER A 171 5.74 -2.93 -2.59
C SER A 171 4.96 -3.83 -3.51
N VAL A 172 5.22 -3.70 -4.80
CA VAL A 172 4.44 -4.46 -5.78
C VAL A 172 4.35 -5.97 -5.49
N LEU A 173 5.47 -6.67 -5.58
CA LEU A 173 5.44 -8.11 -5.30
C LEU A 173 4.99 -8.51 -3.89
N GLU A 174 5.45 -7.76 -2.90
CA GLU A 174 5.17 -8.11 -1.53
C GLU A 174 3.64 -8.09 -1.27
N ASN A 175 2.97 -7.09 -1.84
CA ASN A 175 1.52 -6.99 -1.74
C ASN A 175 0.87 -8.19 -2.42
N HIS A 176 1.43 -8.56 -3.57
CA HIS A 176 0.91 -9.68 -4.34
C HIS A 176 1.08 -11.03 -3.63
N HIS A 177 2.22 -11.29 -3.01
CA HIS A 177 2.42 -12.57 -2.35
C HIS A 177 1.35 -12.73 -1.23
N LEU A 178 1.01 -11.63 -0.57
CA LEU A 178 0.08 -11.66 0.52
C LEU A 178 -1.29 -11.95 0.02
N ALA A 179 -1.64 -11.34 -1.10
CA ALA A 179 -2.97 -11.47 -1.71
C ALA A 179 -3.19 -12.89 -2.12
N VAL A 180 -2.17 -13.50 -2.69
CA VAL A 180 -2.25 -14.88 -3.13
C VAL A 180 -2.30 -15.83 -1.92
N GLY A 181 -1.51 -15.57 -0.91
CA GLY A 181 -1.46 -16.41 0.24
C GLY A 181 -2.75 -16.45 1.02
N PHE A 182 -3.39 -15.30 1.18
CA PHE A 182 -4.67 -15.19 1.89
C PHE A 182 -5.84 -15.55 0.96
N LYS A 183 -5.63 -15.49 -0.36
CA LYS A 183 -6.66 -15.85 -1.33
C LYS A 183 -6.87 -17.33 -1.25
N LEU A 184 -5.80 -18.07 -1.07
CA LEU A 184 -5.91 -19.53 -0.95
C LEU A 184 -6.62 -20.00 0.34
N LEU A 185 -6.65 -19.17 1.39
CA LEU A 185 -7.39 -19.49 2.61
C LEU A 185 -8.89 -19.24 2.49
N GLN A 186 -9.27 -18.43 1.51
CA GLN A 186 -10.68 -18.11 1.32
C GLN A 186 -11.52 -19.39 1.05
N GLU A 187 -10.97 -20.40 0.37
CA GLU A 187 -11.75 -21.63 0.08
C GLU A 187 -11.84 -22.64 1.27
N GLU A 188 -13.07 -22.97 1.70
CA GLU A 188 -13.40 -23.92 2.81
C GLU A 188 -12.39 -25.06 3.18
N HIS A 189 -12.13 -25.97 2.23
CA HIS A 189 -11.19 -27.09 2.46
C HIS A 189 -9.69 -26.67 2.37
N CYS A 190 -9.41 -25.39 2.53
CA CYS A 190 -8.06 -24.88 2.56
C CYS A 190 -7.86 -23.91 3.77
N ASP A 191 -8.96 -23.51 4.43
CA ASP A 191 -8.89 -22.53 5.54
C ASP A 191 -8.28 -23.16 6.78
N ILE A 192 -6.97 -23.12 6.83
CA ILE A 192 -6.22 -23.69 7.96
C ILE A 192 -6.51 -22.96 9.28
N PHE A 193 -6.98 -21.71 9.21
CA PHE A 193 -7.28 -20.94 10.43
C PHE A 193 -8.74 -20.97 10.92
N MET A 194 -9.56 -21.81 10.28
CA MET A 194 -10.98 -21.96 10.55
C MET A 194 -11.35 -22.01 12.06
N ASN A 195 -10.47 -22.60 12.86
CA ASN A 195 -10.68 -22.78 14.28
C ASN A 195 -10.09 -21.75 15.23
N LEU A 196 -9.45 -20.71 14.66
CA LEU A 196 -8.98 -19.55 15.42
C LEU A 196 -10.24 -18.72 15.65
N THR A 197 -10.25 -17.84 16.64
CA THR A 197 -11.41 -16.98 16.88
C THR A 197 -11.41 -15.77 15.93
N LYS A 198 -12.50 -15.01 15.91
CA LYS A 198 -12.60 -13.79 15.08
C LYS A 198 -11.36 -12.95 15.41
N LYS A 199 -11.20 -12.59 16.68
CA LYS A 199 -10.09 -11.75 17.11
C LYS A 199 -8.72 -12.29 16.78
N GLN A 200 -8.56 -13.62 16.83
CA GLN A 200 -7.27 -14.26 16.54
C GLN A 200 -6.89 -14.17 15.04
N ARG A 201 -7.85 -14.50 14.16
CA ARG A 201 -7.67 -14.40 12.70
C ARG A 201 -7.27 -12.96 12.33
N GLN A 202 -7.91 -11.98 12.97
CA GLN A 202 -7.62 -10.56 12.75
C GLN A 202 -6.19 -10.20 13.20
N THR A 203 -5.82 -10.65 14.39
CA THR A 203 -4.50 -10.31 14.92
C THR A 203 -3.40 -10.97 14.08
N LEU A 204 -3.66 -12.18 13.59
CA LEU A 204 -2.72 -12.90 12.75
C LEU A 204 -2.64 -12.28 11.37
N ARG A 205 -3.77 -11.90 10.79
CA ARG A 205 -3.78 -11.27 9.50
C ARG A 205 -2.91 -10.01 9.54
N LYS A 206 -3.12 -9.16 10.54
CA LYS A 206 -2.29 -7.97 10.74
C LYS A 206 -0.78 -8.29 10.87
N MET A 207 -0.42 -9.28 11.70
CA MET A 207 1.00 -9.62 11.84
C MET A 207 1.62 -10.16 10.54
N VAL A 208 0.90 -11.01 9.78
CA VAL A 208 1.43 -11.58 8.55
C VAL A 208 1.67 -10.48 7.51
N ILE A 209 0.68 -9.64 7.26
CA ILE A 209 0.84 -8.55 6.32
C ILE A 209 2.08 -7.74 6.63
N ASP A 210 2.19 -7.37 7.90
CA ASP A 210 3.29 -6.57 8.43
C ASP A 210 4.65 -7.24 8.21
N MET A 211 4.72 -8.57 8.31
CA MET A 211 5.98 -9.28 8.17
C MET A 211 6.41 -9.45 6.71
N VAL A 212 5.47 -9.82 5.84
CA VAL A 212 5.79 -9.94 4.42
C VAL A 212 6.16 -8.60 3.77
N LEU A 213 5.44 -7.52 4.06
CA LEU A 213 5.75 -6.21 3.54
C LEU A 213 7.12 -5.81 4.03
N ALA A 214 7.50 -6.23 5.23
CA ALA A 214 8.86 -5.97 5.72
C ALA A 214 9.98 -6.71 4.93
N THR A 215 9.68 -7.68 4.05
CA THR A 215 10.73 -8.29 3.24
C THR A 215 11.09 -7.50 1.98
N ASP A 216 10.42 -6.37 1.77
CA ASP A 216 10.65 -5.54 0.65
C ASP A 216 11.96 -4.79 0.90
N MET A 217 12.94 -5.07 0.06
CA MET A 217 14.24 -4.50 0.21
C MET A 217 14.35 -2.98 0.20
N SER A 218 13.45 -2.28 -0.47
CA SER A 218 13.49 -0.81 -0.41
C SER A 218 13.26 -0.29 1.03
N LYS A 219 12.74 -1.14 1.93
CA LYS A 219 12.54 -0.83 3.34
C LYS A 219 13.67 -1.27 4.32
N HIS A 220 14.66 -1.97 3.80
CA HIS A 220 15.77 -2.45 4.58
C HIS A 220 16.35 -1.38 5.50
N MET A 221 16.80 -0.26 4.94
CA MET A 221 17.42 0.81 5.72
C MET A 221 16.57 1.33 6.87
N SER A 222 15.26 1.34 6.72
CA SER A 222 14.37 1.87 7.75
C SER A 222 14.21 0.89 8.87
N LEU A 223 14.21 -0.37 8.49
CA LEU A 223 14.05 -1.47 9.41
C LEU A 223 15.31 -1.67 10.26
N LEU A 224 16.47 -1.47 9.65
CA LEU A 224 17.75 -1.66 10.29
C LEU A 224 17.90 -0.57 11.30
N ALA A 225 17.53 0.65 10.91
CA ALA A 225 17.60 1.81 11.79
C ALA A 225 16.71 1.59 13.01
N ASP A 226 15.46 1.20 12.79
CA ASP A 226 14.53 0.94 13.90
C ASP A 226 15.02 -0.20 14.84
N LEU A 227 15.67 -1.22 14.30
CA LEU A 227 16.16 -2.34 15.10
C LEU A 227 17.34 -1.89 15.95
N LYS A 228 18.17 -1.00 15.40
CA LYS A 228 19.33 -0.44 16.09
C LYS A 228 18.89 0.41 17.26
N THR A 229 17.69 0.99 17.16
CA THR A 229 17.17 1.82 18.24
C THR A 229 16.67 0.93 19.37
N MET A 230 16.11 -0.20 18.98
CA MET A 230 15.59 -1.19 19.92
C MET A 230 16.72 -1.94 20.63
N VAL A 231 17.91 -1.98 20.01
CA VAL A 231 19.10 -2.55 20.66
C VAL A 231 19.59 -1.55 21.71
N GLU A 232 19.64 -0.27 21.35
CA GLU A 232 20.06 0.79 22.26
C GLU A 232 19.25 0.78 23.55
N THR A 233 17.98 0.40 23.48
CA THR A 233 17.09 0.41 24.67
C THR A 233 16.66 -0.99 25.11
N LYS A 234 17.39 -2.00 24.65
CA LYS A 234 17.14 -3.38 25.04
C LYS A 234 17.18 -3.56 26.57
N LYS A 235 16.12 -4.19 27.07
CA LYS A 235 15.98 -4.54 28.47
C LYS A 235 15.95 -6.07 28.51
N VAL A 236 16.15 -6.64 29.68
CA VAL A 236 16.26 -8.08 29.80
C VAL A 236 15.70 -8.54 31.16
N THR A 237 15.88 -9.80 31.51
CA THR A 237 15.50 -10.30 32.82
C THR A 237 16.81 -10.81 33.44
N SER A 238 16.81 -11.18 34.70
CA SER A 238 18.01 -11.73 35.31
C SER A 238 18.51 -12.95 34.51
N SER A 239 17.58 -13.70 33.92
CA SER A 239 17.89 -14.91 33.16
C SER A 239 18.26 -14.67 31.69
N GLY A 240 18.73 -13.47 31.36
CA GLY A 240 19.14 -13.14 30.00
C GLY A 240 18.10 -13.22 28.91
N VAL A 241 16.84 -12.93 29.24
CA VAL A 241 15.74 -12.97 28.27
C VAL A 241 15.18 -11.57 28.03
N LEU A 242 15.00 -11.22 26.74
CA LEU A 242 14.47 -9.92 26.34
C LEU A 242 13.07 -9.65 26.84
N LEU A 243 12.88 -8.40 27.26
CA LEU A 243 11.62 -7.91 27.76
C LEU A 243 10.98 -6.99 26.71
N LEU A 244 9.90 -7.47 26.10
CA LEU A 244 9.14 -6.73 25.10
C LEU A 244 7.75 -6.41 25.68
N ASP A 245 7.54 -5.13 26.01
CA ASP A 245 6.29 -4.63 26.63
C ASP A 245 5.03 -4.99 25.86
N ASN A 246 4.62 -4.19 24.85
CA ASN A 246 3.44 -4.57 24.07
C ASN A 246 3.76 -5.00 22.64
N TYR A 247 2.69 -5.21 21.90
CA TYR A 247 2.69 -5.63 20.52
C TYR A 247 3.71 -4.89 19.64
N THR A 248 3.76 -3.56 19.72
CA THR A 248 4.69 -2.79 18.87
C THR A 248 6.12 -3.28 18.96
N ASP A 249 6.51 -3.64 20.17
CA ASP A 249 7.85 -4.15 20.46
C ASP A 249 8.01 -5.56 19.86
N ARG A 250 7.08 -6.46 20.21
CA ARG A 250 7.10 -7.84 19.73
C ARG A 250 7.04 -7.93 18.17
N ILE A 251 6.12 -7.24 17.50
CA ILE A 251 6.04 -7.31 16.02
C ILE A 251 7.22 -6.66 15.31
N GLN A 252 7.96 -5.80 15.99
CA GLN A 252 9.18 -5.24 15.38
C GLN A 252 10.31 -6.27 15.32
N VAL A 253 10.46 -7.07 16.38
CA VAL A 253 11.44 -8.15 16.36
C VAL A 253 11.02 -9.18 15.28
N LEU A 254 9.73 -9.44 15.12
CA LEU A 254 9.29 -10.42 14.10
C LEU A 254 9.48 -9.93 12.67
N ARG A 255 9.22 -8.65 12.45
CA ARG A 255 9.48 -8.03 11.18
C ARG A 255 10.93 -8.33 10.82
N ASN A 256 11.83 -7.96 11.72
CA ASN A 256 13.28 -8.10 11.47
C ASN A 256 13.77 -9.54 11.40
N MET A 257 13.11 -10.43 12.14
CA MET A 257 13.46 -11.83 12.13
C MET A 257 13.20 -12.49 10.77
N VAL A 258 12.07 -12.19 10.14
CA VAL A 258 11.73 -12.75 8.84
C VAL A 258 12.64 -12.14 7.76
N HIS A 259 12.95 -10.86 7.94
CA HIS A 259 13.85 -10.13 7.06
C HIS A 259 15.24 -10.76 7.15
N CYS A 260 15.71 -11.10 8.36
CA CYS A 260 17.00 -11.76 8.51
C CYS A 260 16.94 -13.17 7.92
N ALA A 261 15.88 -13.94 8.17
CA ALA A 261 15.75 -15.27 7.58
C ALA A 261 15.84 -15.22 6.04
N ASP A 262 15.23 -14.22 5.45
CA ASP A 262 15.28 -13.96 4.02
C ASP A 262 16.64 -13.61 3.45
N LEU A 263 17.45 -12.96 4.26
CA LEU A 263 18.79 -12.59 3.89
C LEU A 263 19.75 -13.45 4.68
N SER A 264 19.43 -14.72 4.83
CA SER A 264 20.24 -15.62 5.62
C SER A 264 21.13 -16.55 4.80
N ASN A 265 21.08 -16.53 3.48
CA ASN A 265 21.91 -17.46 2.70
C ASN A 265 23.37 -17.39 3.10
N PRO A 266 23.97 -16.18 3.12
CA PRO A 266 25.40 -16.04 3.44
C PRO A 266 25.80 -16.45 4.84
N THR A 267 24.87 -16.66 5.76
CA THR A 267 25.21 -17.07 7.12
C THR A 267 25.20 -18.61 7.29
N LYS A 268 24.78 -19.31 6.24
CA LYS A 268 24.79 -20.77 6.21
C LYS A 268 26.18 -21.26 5.77
N SER A 269 26.41 -22.57 5.86
CA SER A 269 27.69 -23.17 5.48
C SER A 269 28.05 -22.82 4.03
N LEU A 270 29.34 -22.68 3.74
CA LEU A 270 29.82 -22.34 2.40
C LEU A 270 29.22 -23.20 1.28
N GLU A 271 29.12 -24.50 1.48
CA GLU A 271 28.56 -25.39 0.45
C GLU A 271 27.09 -25.04 0.10
N LEU A 272 26.33 -24.61 1.10
CA LEU A 272 24.94 -24.20 0.95
C LEU A 272 24.86 -22.78 0.37
N TYR A 273 25.65 -21.85 0.93
CA TYR A 273 25.68 -20.48 0.46
C TYR A 273 26.02 -20.38 -1.04
N ARG A 274 26.91 -21.23 -1.54
CA ARG A 274 27.31 -21.17 -2.95
C ARG A 274 26.21 -21.66 -3.86
N GLN A 275 25.47 -22.68 -3.45
CA GLN A 275 24.31 -23.10 -4.25
C GLN A 275 23.26 -21.98 -4.32
N TRP A 276 23.07 -21.24 -3.23
CA TRP A 276 22.12 -20.13 -3.27
C TRP A 276 22.64 -19.01 -4.19
N THR A 277 23.93 -18.68 -4.10
CA THR A 277 24.51 -17.61 -4.96
C THR A 277 24.30 -17.92 -6.44
N ASP A 278 24.62 -19.15 -6.84
CA ASP A 278 24.42 -19.59 -8.24
C ASP A 278 23.01 -19.34 -8.73
N ARG A 279 22.06 -19.58 -7.85
CA ARG A 279 20.66 -19.48 -8.17
C ARG A 279 20.21 -18.06 -8.27
N ILE A 280 20.55 -17.23 -7.27
CA ILE A 280 20.16 -15.82 -7.27
C ILE A 280 20.77 -15.05 -8.46
N MET A 281 22.02 -15.38 -8.85
CA MET A 281 22.68 -14.72 -9.99
C MET A 281 22.13 -15.15 -11.34
N GLU A 282 21.80 -16.43 -11.48
CA GLU A 282 21.12 -16.90 -12.67
C GLU A 282 19.77 -16.16 -12.83
N GLU A 283 19.04 -15.96 -11.74
CA GLU A 283 17.78 -15.23 -11.79
C GLU A 283 17.99 -13.76 -12.19
N PHE A 284 18.95 -13.10 -11.52
CA PHE A 284 19.33 -11.69 -11.80
C PHE A 284 19.88 -11.48 -13.18
N PHE A 285 20.59 -12.47 -13.72
CA PHE A 285 21.13 -12.38 -15.09
C PHE A 285 20.00 -12.61 -16.13
N GLN A 286 19.02 -13.46 -15.82
CA GLN A 286 17.87 -13.68 -16.70
C GLN A 286 17.09 -12.38 -16.82
N GLN A 287 17.01 -11.63 -15.74
CA GLN A 287 16.31 -10.35 -15.71
C GLN A 287 17.09 -9.28 -16.46
N GLY A 288 18.42 -9.36 -16.48
CA GLY A 288 19.23 -8.43 -17.27
C GLY A 288 19.12 -8.74 -18.75
N ASP A 289 18.84 -9.99 -19.09
CA ASP A 289 18.65 -10.42 -20.48
C ASP A 289 17.31 -9.90 -21.01
N LYS A 290 16.27 -9.90 -20.17
CA LYS A 290 14.99 -9.40 -20.59
C LYS A 290 15.07 -7.89 -20.78
N GLU A 291 15.88 -7.23 -19.95
CA GLU A 291 16.08 -5.78 -20.01
C GLU A 291 16.82 -5.41 -21.29
N ARG A 292 17.82 -6.21 -21.67
CA ARG A 292 18.60 -5.95 -22.87
C ARG A 292 17.73 -6.05 -24.14
N GLU A 293 16.85 -7.06 -24.19
CA GLU A 293 15.94 -7.25 -25.33
C GLU A 293 15.08 -6.01 -25.52
N ARG A 294 14.31 -5.73 -24.47
CA ARG A 294 13.37 -4.62 -24.39
C ARG A 294 14.03 -3.28 -24.65
N GLY A 295 15.36 -3.19 -24.57
CA GLY A 295 16.09 -1.95 -24.82
C GLY A 295 16.33 -1.09 -23.58
N MET A 296 15.79 -1.50 -22.43
CA MET A 296 15.92 -0.79 -21.16
C MET A 296 17.34 -0.75 -20.67
N GLU A 297 17.60 0.13 -19.70
CA GLU A 297 18.92 0.23 -19.10
C GLU A 297 19.12 -0.97 -18.21
N ILE A 298 20.27 -1.61 -18.34
CA ILE A 298 20.59 -2.81 -17.56
C ILE A 298 21.31 -2.40 -16.28
N SER A 299 20.75 -2.86 -15.19
CA SER A 299 21.30 -2.62 -13.87
C SER A 299 22.71 -3.33 -13.80
N PRO A 300 23.77 -2.61 -13.42
CA PRO A 300 25.16 -3.13 -13.39
C PRO A 300 25.48 -4.52 -12.80
N MET A 301 24.74 -4.95 -11.80
CA MET A 301 24.94 -6.22 -11.12
C MET A 301 24.00 -7.30 -11.67
N CYS A 302 23.08 -6.89 -12.56
CA CYS A 302 22.24 -7.81 -13.31
C CYS A 302 22.88 -8.09 -14.74
N ASP A 303 23.98 -7.40 -15.08
CA ASP A 303 24.64 -7.52 -16.41
C ASP A 303 25.69 -8.64 -16.50
N LYS A 304 25.32 -9.77 -17.12
CA LYS A 304 26.22 -10.92 -17.22
C LYS A 304 27.51 -10.72 -18.04
N HIS A 305 27.60 -9.68 -18.86
CA HIS A 305 28.85 -9.47 -19.66
C HIS A 305 29.95 -8.66 -18.95
N THR A 306 29.59 -8.04 -17.83
CA THR A 306 30.45 -7.14 -17.06
C THR A 306 30.57 -7.43 -15.56
N ALA A 307 29.60 -8.14 -14.99
CA ALA A 307 29.52 -8.34 -13.54
C ALA A 307 30.28 -9.52 -12.94
N SER A 308 31.04 -9.23 -11.89
CA SER A 308 31.81 -10.22 -11.18
C SER A 308 30.91 -10.75 -10.12
N VAL A 309 30.60 -12.04 -10.16
CA VAL A 309 29.74 -12.66 -9.14
C VAL A 309 30.41 -12.57 -7.76
N GLU A 310 31.71 -12.41 -7.72
CA GLU A 310 32.43 -12.43 -6.47
C GLU A 310 32.32 -11.12 -5.72
N LYS A 311 32.63 -10.04 -6.42
CA LYS A 311 32.57 -8.68 -5.87
C LYS A 311 31.16 -8.41 -5.40
N SER A 312 30.22 -8.73 -6.26
CA SER A 312 28.86 -8.43 -5.98
C SER A 312 28.41 -9.17 -4.67
N GLN A 313 28.97 -10.36 -4.36
CA GLN A 313 28.65 -11.05 -3.08
C GLN A 313 29.30 -10.38 -1.89
N VAL A 314 30.55 -9.96 -2.07
CA VAL A 314 31.30 -9.27 -1.01
C VAL A 314 30.60 -7.98 -0.62
N GLY A 315 30.16 -7.21 -1.64
CA GLY A 315 29.48 -5.94 -1.47
C GLY A 315 28.16 -6.17 -0.78
N PHE A 316 27.44 -7.17 -1.22
CA PHE A 316 26.15 -7.53 -0.63
C PHE A 316 26.34 -7.84 0.87
N ILE A 317 27.42 -8.50 1.24
CA ILE A 317 27.69 -8.77 2.66
C ILE A 317 28.18 -7.53 3.42
N ASP A 318 29.02 -6.71 2.81
CA ASP A 318 29.55 -5.55 3.53
C ASP A 318 28.44 -4.52 3.82
N TYR A 319 27.63 -4.22 2.81
CA TYR A 319 26.60 -3.18 2.92
C TYR A 319 25.22 -3.64 3.35
N ILE A 320 24.88 -4.90 3.13
CA ILE A 320 23.52 -5.33 3.50
C ILE A 320 23.44 -6.35 4.61
N VAL A 321 24.04 -7.51 4.38
CA VAL A 321 23.95 -8.62 5.31
C VAL A 321 24.69 -8.46 6.64
N HIS A 322 25.94 -8.05 6.60
CA HIS A 322 26.65 -7.93 7.85
C HIS A 322 26.06 -6.89 8.79
N PRO A 323 25.78 -5.66 8.35
CA PRO A 323 25.16 -4.67 9.23
C PRO A 323 23.86 -5.13 9.90
N LEU A 324 23.10 -5.94 9.17
CA LEU A 324 21.81 -6.47 9.65
C LEU A 324 22.03 -7.52 10.74
N TRP A 325 22.84 -8.53 10.42
CA TRP A 325 23.12 -9.64 11.33
C TRP A 325 23.95 -9.25 12.55
N GLU A 326 24.77 -8.23 12.39
CA GLU A 326 25.57 -7.70 13.49
C GLU A 326 24.64 -7.05 14.50
N THR A 327 23.56 -6.42 14.01
CA THR A 327 22.55 -5.82 14.87
C THR A 327 21.66 -6.91 15.51
N TRP A 328 21.28 -7.92 14.72
CA TRP A 328 20.49 -9.01 15.25
C TRP A 328 21.31 -9.74 16.29
N ALA A 329 22.61 -9.92 16.03
CA ALA A 329 23.53 -10.58 16.96
C ALA A 329 23.57 -9.83 18.28
N ASP A 330 23.46 -8.52 18.21
CA ASP A 330 23.49 -7.67 19.40
C ASP A 330 22.22 -7.83 20.19
N LEU A 331 21.10 -7.97 19.48
CA LEU A 331 19.82 -8.07 20.15
C LEU A 331 19.70 -9.35 20.95
N VAL A 332 20.19 -10.46 20.39
CA VAL A 332 20.08 -11.77 21.02
C VAL A 332 21.42 -12.35 21.52
N GLN A 333 22.46 -11.53 21.63
CA GLN A 333 23.78 -12.02 22.06
C GLN A 333 23.74 -12.83 23.36
N PRO A 334 24.58 -13.88 23.46
CA PRO A 334 25.56 -14.28 22.45
C PRO A 334 25.02 -15.36 21.49
N ASP A 335 23.71 -15.49 21.41
CA ASP A 335 23.05 -16.53 20.61
C ASP A 335 23.51 -16.64 19.17
N ALA A 336 23.82 -15.53 18.52
CA ALA A 336 24.18 -15.58 17.12
C ALA A 336 25.64 -15.29 16.81
N GLN A 337 26.55 -15.58 17.73
CA GLN A 337 27.96 -15.38 17.44
C GLN A 337 28.44 -16.40 16.40
N ASP A 338 27.94 -17.63 16.47
CA ASP A 338 28.31 -18.66 15.47
C ASP A 338 27.86 -18.19 14.07
N ILE A 339 26.58 -17.84 13.93
CA ILE A 339 26.05 -17.36 12.64
C ILE A 339 26.91 -16.23 12.03
N LEU A 340 27.47 -15.37 12.88
CA LEU A 340 28.26 -14.20 12.46
C LEU A 340 29.70 -14.54 12.08
N ASP A 341 30.26 -15.52 12.77
CA ASP A 341 31.60 -16.04 12.50
C ASP A 341 31.64 -16.65 11.10
N THR A 342 30.61 -17.46 10.83
CA THR A 342 30.40 -18.13 9.54
C THR A 342 30.25 -17.12 8.42
N LEU A 343 29.49 -16.05 8.67
CA LEU A 343 29.28 -14.98 7.69
C LEU A 343 30.60 -14.32 7.28
N GLU A 344 31.45 -13.96 8.25
CA GLU A 344 32.72 -13.32 7.93
C GLU A 344 33.66 -14.31 7.20
N ASP A 345 33.68 -15.56 7.66
CA ASP A 345 34.43 -16.62 7.00
C ASP A 345 33.97 -16.72 5.54
N ASN A 346 32.66 -16.65 5.30
CA ASN A 346 32.12 -16.77 3.95
C ASN A 346 32.49 -15.58 3.09
N ARG A 347 32.35 -14.39 3.68
CA ARG A 347 32.69 -13.13 3.03
C ARG A 347 34.16 -13.15 2.62
N ASN A 348 35.02 -13.64 3.51
CA ASN A 348 36.45 -13.75 3.27
C ASN A 348 36.74 -14.75 2.18
N TRP A 349 35.95 -15.81 2.13
CA TRP A 349 36.10 -16.79 1.08
C TRP A 349 35.85 -16.17 -0.29
N TYR A 350 34.82 -15.33 -0.41
CA TYR A 350 34.46 -14.69 -1.69
C TYR A 350 35.48 -13.60 -2.06
N GLN A 351 36.08 -12.94 -1.05
CA GLN A 351 37.10 -11.92 -1.31
C GLN A 351 38.30 -12.59 -1.95
N SER A 352 38.76 -13.71 -1.40
CA SER A 352 39.92 -14.46 -1.95
C SER A 352 39.65 -14.97 -3.37
N MET A 353 38.39 -15.22 -3.71
CA MET A 353 38.02 -15.64 -5.06
C MET A 353 38.18 -14.52 -6.13
N ILE A 354 38.26 -13.26 -5.68
CA ILE A 354 38.50 -12.08 -6.55
C ILE A 354 39.98 -11.87 -6.84
N PRO A 355 40.39 -11.90 -8.10
CA PRO A 355 41.79 -11.58 -8.44
C PRO A 355 42.12 -10.10 -8.18
N GLU B 33 -26.13 23.49 -24.57
CA GLU B 33 -27.20 24.40 -24.99
C GLU B 33 -26.99 25.75 -24.30
N ASP B 34 -28.00 26.63 -24.39
CA ASP B 34 -27.96 27.94 -23.75
C ASP B 34 -27.79 27.84 -22.24
N HIS B 35 -28.70 27.12 -21.57
CA HIS B 35 -28.70 26.96 -20.10
C HIS B 35 -27.38 26.42 -19.59
N LEU B 36 -26.78 25.50 -20.33
CA LEU B 36 -25.47 24.92 -19.97
C LEU B 36 -24.36 25.98 -20.03
N ALA B 37 -24.35 26.81 -21.08
CA ALA B 37 -23.34 27.87 -21.18
C ALA B 37 -23.50 28.92 -20.06
N LYS B 38 -24.75 29.28 -19.74
CA LYS B 38 -25.03 30.21 -18.62
C LYS B 38 -24.54 29.61 -17.32
N GLU B 39 -24.68 28.30 -17.17
CA GLU B 39 -24.31 27.62 -15.91
C GLU B 39 -22.78 27.52 -15.80
N LEU B 40 -22.12 27.48 -16.95
CA LEU B 40 -20.66 27.38 -17.06
C LEU B 40 -19.94 28.70 -16.95
N GLU B 41 -20.68 29.81 -16.96
CA GLU B 41 -20.13 31.14 -16.71
C GLU B 41 -19.45 31.15 -15.33
N ASP B 42 -19.97 30.37 -14.39
CA ASP B 42 -19.42 30.26 -13.05
C ASP B 42 -18.37 29.12 -12.91
N LEU B 43 -17.72 28.71 -13.99
CA LEU B 43 -16.70 27.67 -13.91
C LEU B 43 -15.56 27.90 -12.90
N ASN B 44 -15.05 29.14 -12.87
CA ASN B 44 -13.96 29.53 -11.97
C ASN B 44 -14.45 29.99 -10.60
N LYS B 45 -15.68 29.66 -10.28
CA LYS B 45 -16.30 30.15 -9.07
C LYS B 45 -16.78 29.05 -8.10
N TRP B 46 -16.65 29.32 -6.81
CA TRP B 46 -17.07 28.39 -5.78
C TRP B 46 -18.57 28.12 -5.86
N GLY B 47 -19.35 29.12 -6.29
CA GLY B 47 -20.78 29.02 -6.41
C GLY B 47 -21.32 28.27 -7.62
N LEU B 48 -20.48 27.67 -8.46
CA LEU B 48 -20.97 26.86 -9.59
C LEU B 48 -21.91 25.79 -9.08
N ASN B 49 -22.97 25.53 -9.85
CA ASN B 49 -23.96 24.52 -9.48
C ASN B 49 -23.85 23.28 -10.38
N ILE B 50 -23.05 22.31 -9.93
CA ILE B 50 -22.79 21.08 -10.66
C ILE B 50 -24.06 20.21 -10.83
N PHE B 51 -25.05 20.39 -9.96
CA PHE B 51 -26.33 19.72 -10.12
C PHE B 51 -26.98 20.23 -11.39
N ASN B 52 -26.85 21.52 -11.69
CA ASN B 52 -27.45 22.06 -12.90
C ASN B 52 -26.70 21.67 -14.17
N VAL B 53 -25.37 21.60 -14.15
CA VAL B 53 -24.65 21.16 -15.35
C VAL B 53 -24.90 19.68 -15.66
N ALA B 54 -25.07 18.86 -14.63
CA ALA B 54 -25.50 17.46 -14.74
C ALA B 54 -26.82 17.33 -15.49
N GLY B 55 -27.75 18.24 -15.26
CA GLY B 55 -29.03 18.17 -15.94
C GLY B 55 -29.00 18.64 -17.39
N TYR B 56 -28.17 19.62 -17.69
CA TYR B 56 -28.10 20.16 -19.05
C TYR B 56 -27.15 19.40 -19.94
N SER B 57 -26.37 18.46 -19.39
CA SER B 57 -25.35 17.73 -20.15
C SER B 57 -25.66 16.23 -20.36
N HIS B 58 -26.94 15.88 -20.18
CA HIS B 58 -27.44 14.50 -20.29
C HIS B 58 -26.69 13.57 -19.35
N ASN B 59 -26.56 14.07 -18.13
CA ASN B 59 -25.95 13.36 -17.05
C ASN B 59 -24.51 12.91 -17.36
N ARG B 60 -23.71 13.89 -17.80
CA ARG B 60 -22.30 13.70 -18.04
C ARG B 60 -21.52 14.86 -17.39
N PRO B 61 -21.78 15.10 -16.10
CA PRO B 61 -21.17 16.21 -15.41
C PRO B 61 -19.69 16.06 -15.35
N LEU B 62 -19.11 14.87 -15.22
CA LEU B 62 -17.64 14.75 -15.21
C LEU B 62 -16.97 15.03 -16.55
N THR B 63 -17.47 14.43 -17.61
CA THR B 63 -16.93 14.66 -18.96
C THR B 63 -17.01 16.15 -19.31
N CME B 64 -18.19 16.74 -19.38
CA CME B 64 -18.64 18.10 -19.35
CB CME B 64 -20.11 18.39 -19.02
SG CME B 64 -20.40 20.08 -19.50
SD CME B 64 -20.03 20.29 -21.55
CE CME B 64 -18.38 20.65 -22.12
CZ CME B 64 -18.10 22.14 -22.05
OH CME B 64 -17.44 22.71 -22.92
C CME B 64 -17.67 19.03 -18.60
O CME B 64 -16.81 19.60 -19.21
N ILE B 65 -17.65 18.95 -17.26
CA ILE B 65 -16.78 19.85 -16.46
C ILE B 65 -15.30 19.71 -16.75
N MET B 66 -14.81 18.50 -17.06
CA MET B 66 -13.39 18.30 -17.29
C MET B 66 -12.97 18.89 -18.61
N TYR B 67 -13.88 18.82 -19.56
CA TYR B 67 -13.62 19.38 -20.86
C TYR B 67 -13.54 20.88 -20.68
N ALA B 68 -14.44 21.47 -19.87
CA ALA B 68 -14.42 22.92 -19.68
C ALA B 68 -13.14 23.41 -18.99
N ILE B 69 -12.75 22.71 -17.93
CA ILE B 69 -11.55 23.05 -17.16
C ILE B 69 -10.30 22.92 -18.02
N PHE B 70 -10.17 21.81 -18.72
CA PHE B 70 -9.02 21.59 -19.56
C PHE B 70 -8.90 22.67 -20.61
N GLN B 71 -10.01 23.13 -21.21
CA GLN B 71 -9.95 24.21 -22.24
C GLN B 71 -9.60 25.59 -21.71
N GLU B 72 -10.29 25.99 -20.66
CA GLU B 72 -10.03 27.22 -19.91
C GLU B 72 -8.55 27.40 -19.51
N ARG B 73 -7.89 26.30 -19.13
CA ARG B 73 -6.52 26.29 -18.67
C ARG B 73 -5.54 25.93 -19.74
N ASP B 74 -6.03 25.68 -20.94
CA ASP B 74 -5.21 25.29 -22.11
C ASP B 74 -4.35 24.05 -21.92
N LEU B 75 -4.86 23.12 -21.14
CA LEU B 75 -4.15 21.89 -20.90
C LEU B 75 -4.11 21.00 -22.13
N LEU B 76 -5.15 21.05 -22.97
CA LEU B 76 -5.18 20.24 -24.17
C LEU B 76 -4.11 20.68 -25.13
N LYS B 77 -4.02 21.98 -25.39
CA LYS B 77 -2.98 22.53 -26.29
C LYS B 77 -1.59 22.34 -25.66
N THR B 78 -1.42 22.71 -24.41
CA THR B 78 -0.15 22.55 -23.68
C THR B 78 0.49 21.15 -23.76
N PHE B 79 -0.30 20.12 -23.48
CA PHE B 79 0.19 18.74 -23.51
C PHE B 79 -0.18 17.91 -24.74
N ARG B 80 -0.58 18.59 -25.81
CA ARG B 80 -0.93 17.99 -27.11
C ARG B 80 -1.86 16.77 -26.92
N ILE B 81 -2.92 17.02 -26.16
CA ILE B 81 -3.93 16.02 -25.89
C ILE B 81 -5.05 16.26 -26.88
N SER B 82 -5.33 15.25 -27.68
CA SER B 82 -6.40 15.35 -28.68
C SER B 82 -7.78 15.40 -28.00
N SER B 83 -8.62 16.32 -28.48
CA SER B 83 -9.98 16.46 -27.99
C SER B 83 -10.69 15.10 -28.00
N ASP B 84 -10.54 14.36 -29.11
CA ASP B 84 -11.16 13.04 -29.27
C ASP B 84 -10.72 12.10 -28.16
N THR B 85 -9.42 11.88 -28.03
CA THR B 85 -8.88 11.02 -27.00
C THR B 85 -9.41 11.38 -25.61
N PHE B 86 -9.41 12.67 -25.33
CA PHE B 86 -9.76 13.17 -24.02
C PHE B 86 -11.22 12.88 -23.66
N ILE B 87 -12.15 13.07 -24.60
CA ILE B 87 -13.56 12.80 -24.39
C ILE B 87 -13.77 11.31 -24.22
N THR B 88 -13.16 10.54 -25.12
CA THR B 88 -13.27 9.10 -25.04
C THR B 88 -12.88 8.61 -23.64
N TYR B 89 -11.74 9.10 -23.15
CA TYR B 89 -11.25 8.71 -21.85
C TYR B 89 -12.19 9.13 -20.75
N MET B 90 -12.62 10.39 -20.77
CA MET B 90 -13.51 10.93 -19.70
C MET B 90 -14.85 10.27 -19.68
N MET B 91 -15.35 9.89 -20.86
CA MET B 91 -16.63 9.21 -20.97
C MET B 91 -16.50 7.82 -20.34
N THR B 92 -15.43 7.10 -20.68
CA THR B 92 -15.18 5.77 -20.11
C THR B 92 -14.98 5.84 -18.58
N LEU B 93 -14.21 6.83 -18.15
CA LEU B 93 -14.04 7.08 -16.72
C LEU B 93 -15.40 7.34 -16.05
N GLU B 94 -16.16 8.24 -16.63
CA GLU B 94 -17.47 8.54 -16.10
C GLU B 94 -18.34 7.29 -15.97
N ASP B 95 -18.30 6.42 -16.99
CA ASP B 95 -19.02 5.14 -16.94
C ASP B 95 -18.52 4.12 -15.89
N HIS B 96 -17.35 4.36 -15.29
CA HIS B 96 -16.83 3.51 -14.25
C HIS B 96 -17.25 3.95 -12.83
N TYR B 97 -17.89 5.11 -12.74
CA TYR B 97 -18.49 5.58 -11.51
C TYR B 97 -19.92 4.97 -11.52
N HIS B 98 -20.35 4.28 -10.47
CA HIS B 98 -21.69 3.67 -10.48
C HIS B 98 -22.82 4.67 -10.27
N SER B 99 -23.74 4.74 -11.22
CA SER B 99 -24.80 5.70 -11.07
C SER B 99 -25.84 5.26 -10.00
N ASP B 100 -25.78 3.99 -9.56
CA ASP B 100 -26.67 3.52 -8.47
C ASP B 100 -26.11 3.80 -7.05
N VAL B 101 -24.94 4.41 -6.96
CA VAL B 101 -24.37 4.74 -5.67
C VAL B 101 -24.86 6.19 -5.45
N ALA B 102 -25.37 6.48 -4.26
CA ALA B 102 -26.05 7.73 -3.97
C ALA B 102 -25.19 8.93 -3.90
N TYR B 103 -24.01 8.82 -3.29
CA TYR B 103 -23.08 9.95 -3.20
C TYR B 103 -21.82 9.82 -4.07
N HIS B 104 -21.17 8.67 -4.07
CA HIS B 104 -19.89 8.49 -4.79
C HIS B 104 -20.09 8.14 -6.25
N ASN B 105 -20.69 9.04 -7.00
CA ASN B 105 -20.94 8.81 -8.44
C ASN B 105 -20.19 9.90 -9.22
N SER B 106 -20.32 9.95 -10.53
CA SER B 106 -19.56 10.96 -11.30
C SER B 106 -19.91 12.40 -10.93
N LEU B 107 -21.09 12.67 -10.36
CA LEU B 107 -21.43 14.03 -9.97
C LEU B 107 -20.46 14.55 -8.88
N HIS B 108 -20.20 13.68 -7.90
CA HIS B 108 -19.25 13.92 -6.84
C HIS B 108 -17.83 14.07 -7.38
N ALA B 109 -17.43 13.26 -8.36
CA ALA B 109 -16.09 13.39 -8.96
C ALA B 109 -16.00 14.74 -9.65
N ALA B 110 -17.04 15.12 -10.39
CA ALA B 110 -17.13 16.40 -11.07
C ALA B 110 -17.09 17.59 -10.13
N ASP B 111 -17.74 17.48 -8.97
CA ASP B 111 -17.77 18.54 -7.97
C ASP B 111 -16.38 18.74 -7.37
N VAL B 112 -15.65 17.64 -7.15
CA VAL B 112 -14.32 17.67 -6.53
C VAL B 112 -13.28 18.24 -7.53
N ALA B 113 -13.40 17.82 -8.77
CA ALA B 113 -12.59 18.27 -9.86
C ALA B 113 -12.74 19.78 -10.07
N GLN B 114 -13.97 20.26 -10.11
CA GLN B 114 -14.23 21.70 -10.32
C GLN B 114 -13.82 22.52 -9.11
N SER B 115 -13.97 21.97 -7.90
CA SER B 115 -13.56 22.67 -6.69
C SER B 115 -12.06 22.80 -6.59
N THR B 116 -11.36 21.79 -7.10
CA THR B 116 -9.90 21.72 -7.11
C THR B 116 -9.45 22.77 -8.09
N HIS B 117 -10.10 22.81 -9.23
CA HIS B 117 -9.82 23.82 -10.26
C HIS B 117 -9.91 25.26 -9.67
N VAL B 118 -10.90 25.52 -8.83
CA VAL B 118 -11.05 26.84 -8.22
C VAL B 118 -9.93 27.03 -7.21
N LEU B 119 -9.65 26.00 -6.41
CA LEU B 119 -8.59 26.07 -5.41
C LEU B 119 -7.21 26.34 -5.98
N LEU B 120 -6.91 25.81 -7.17
CA LEU B 120 -5.58 26.07 -7.79
C LEU B 120 -5.39 27.50 -8.20
N SER B 121 -6.51 28.24 -8.26
CA SER B 121 -6.50 29.65 -8.63
C SER B 121 -6.53 30.60 -7.47
N THR B 122 -6.38 30.08 -6.25
CA THR B 122 -6.25 30.97 -5.08
C THR B 122 -5.15 31.96 -5.41
N PRO B 123 -5.35 33.25 -5.14
CA PRO B 123 -4.31 34.29 -5.37
C PRO B 123 -2.96 34.02 -4.67
N ALA B 124 -3.04 33.37 -3.51
CA ALA B 124 -1.88 33.05 -2.68
C ALA B 124 -0.95 31.99 -3.30
N LEU B 125 -1.48 31.14 -4.18
CA LEU B 125 -0.67 30.13 -4.87
C LEU B 125 -0.42 30.47 -6.35
N ASP B 126 -0.49 31.75 -6.72
CA ASP B 126 -0.34 32.16 -8.11
C ASP B 126 1.08 31.96 -8.68
N ALA B 127 1.14 31.15 -9.74
CA ALA B 127 2.37 30.85 -10.47
C ALA B 127 3.36 29.98 -9.68
N VAL B 128 2.85 29.26 -8.70
CA VAL B 128 3.65 28.40 -7.85
C VAL B 128 3.79 27.00 -8.47
N PHE B 129 2.67 26.47 -8.96
CA PHE B 129 2.65 25.17 -9.58
C PHE B 129 3.00 25.19 -11.08
N THR B 130 3.65 24.12 -11.54
CA THR B 130 3.92 23.93 -12.97
C THR B 130 2.64 23.39 -13.61
N ASP B 131 2.49 23.52 -14.92
CA ASP B 131 1.32 22.98 -15.61
C ASP B 131 1.16 21.48 -15.36
N LEU B 132 2.26 20.78 -15.17
CA LEU B 132 2.21 19.36 -14.87
C LEU B 132 1.59 19.13 -13.48
N GLU B 133 1.89 19.98 -12.52
CA GLU B 133 1.32 19.84 -11.18
C GLU B 133 -0.18 20.14 -11.26
N ILE B 134 -0.56 21.08 -12.14
CA ILE B 134 -1.98 21.45 -12.34
C ILE B 134 -2.70 20.30 -13.04
N LEU B 135 -2.11 19.81 -14.11
CA LEU B 135 -2.62 18.62 -14.78
C LEU B 135 -2.88 17.49 -13.81
N ALA B 136 -1.93 17.24 -12.93
CA ALA B 136 -2.03 16.11 -12.04
C ALA B 136 -3.11 16.27 -11.01
N ALA B 137 -3.22 17.48 -10.46
CA ALA B 137 -4.20 17.73 -9.42
C ALA B 137 -5.60 17.59 -9.96
N ILE B 138 -5.86 18.05 -11.17
CA ILE B 138 -7.23 17.93 -11.68
C ILE B 138 -7.52 16.51 -12.12
N PHE B 139 -6.56 15.90 -12.84
CA PHE B 139 -6.67 14.47 -13.17
C PHE B 139 -6.89 13.61 -11.91
N ALA B 140 -6.17 13.86 -10.83
CA ALA B 140 -6.42 13.10 -9.60
C ALA B 140 -7.81 13.33 -9.06
N ALA B 141 -8.21 14.59 -9.02
CA ALA B 141 -9.54 14.92 -8.57
C ALA B 141 -10.56 14.09 -9.35
N ALA B 142 -10.43 14.01 -10.68
CA ALA B 142 -11.41 13.27 -11.45
C ALA B 142 -11.49 11.76 -11.17
N ILE B 143 -10.35 11.14 -10.88
CA ILE B 143 -10.36 9.68 -10.68
C ILE B 143 -10.45 9.20 -9.25
N HIS B 144 -10.26 10.12 -8.30
CA HIS B 144 -10.11 9.82 -6.90
C HIS B 144 -11.18 8.89 -6.24
N ASP B 145 -12.36 8.66 -6.82
CA ASP B 145 -13.40 7.72 -6.28
C ASP B 145 -13.97 6.75 -7.35
N VAL B 146 -13.28 6.67 -8.44
CA VAL B 146 -13.77 5.84 -9.51
C VAL B 146 -14.01 4.35 -9.12
N ASP B 147 -15.13 3.84 -9.58
CA ASP B 147 -15.55 2.52 -9.26
C ASP B 147 -15.79 2.33 -7.80
N HIS B 148 -16.32 3.34 -7.12
CA HIS B 148 -16.64 3.24 -5.73
C HIS B 148 -17.87 2.32 -5.58
N PRO B 149 -17.81 1.27 -4.75
CA PRO B 149 -18.97 0.39 -4.53
C PRO B 149 -20.07 0.89 -3.57
N GLY B 150 -19.92 2.05 -2.94
CA GLY B 150 -20.95 2.53 -2.06
C GLY B 150 -20.82 2.13 -0.61
N VAL B 151 -19.74 1.41 -0.29
CA VAL B 151 -19.40 1.04 1.08
C VAL B 151 -18.00 1.50 1.39
N SER B 152 -17.69 1.52 2.68
CA SER B 152 -16.40 2.03 3.14
C SER B 152 -15.28 0.98 3.24
N ASN B 153 -14.04 1.43 3.48
CA ASN B 153 -12.90 0.53 3.67
C ASN B 153 -13.14 -0.42 4.85
N GLN B 154 -13.65 0.09 5.97
CA GLN B 154 -13.90 -0.77 7.14
C GLN B 154 -14.90 -1.87 6.87
N PHE B 155 -15.90 -1.59 6.05
CA PHE B 155 -16.91 -2.58 5.62
C PHE B 155 -16.31 -3.67 4.70
N LEU B 156 -15.43 -3.28 3.79
CA LEU B 156 -14.77 -4.20 2.87
C LEU B 156 -13.79 -5.07 3.62
N ILE B 157 -13.12 -4.50 4.60
CA ILE B 157 -12.18 -5.26 5.39
C ILE B 157 -12.96 -6.22 6.28
N ASN B 158 -13.99 -5.74 6.97
CA ASN B 158 -14.79 -6.59 7.86
C ASN B 158 -15.60 -7.70 7.16
N THR B 159 -15.87 -7.56 5.85
CA THR B 159 -16.60 -8.61 5.12
C THR B 159 -15.69 -9.47 4.28
N ASN B 160 -14.38 -9.34 4.46
CA ASN B 160 -13.41 -10.17 3.72
C ASN B 160 -13.62 -10.06 2.23
N SER B 161 -14.09 -8.93 1.74
CA SER B 161 -14.22 -8.71 0.31
C SER B 161 -12.95 -8.95 -0.48
N GLU B 162 -13.10 -9.12 -1.78
CA GLU B 162 -12.00 -9.38 -2.69
C GLU B 162 -11.00 -8.26 -2.76
N LEU B 163 -11.47 -7.02 -2.78
CA LEU B 163 -10.53 -5.90 -2.88
C LEU B 163 -9.68 -5.71 -1.62
N ALA B 164 -10.23 -6.03 -0.45
CA ALA B 164 -9.49 -5.96 0.81
C ALA B 164 -8.45 -7.09 0.89
N LEU B 165 -8.75 -8.25 0.29
CA LEU B 165 -7.75 -9.36 0.25
C LEU B 165 -6.66 -8.95 -0.72
N MET B 166 -7.05 -8.19 -1.71
CA MET B 166 -6.13 -7.79 -2.72
C MET B 166 -5.14 -6.74 -2.26
N TYR B 167 -5.63 -5.81 -1.46
CA TYR B 167 -4.88 -4.65 -1.07
C TYR B 167 -4.41 -4.72 0.38
N ASN B 168 -4.60 -5.88 0.98
CA ASN B 168 -4.10 -6.13 2.34
C ASN B 168 -4.58 -5.12 3.38
N ASP B 169 -5.86 -4.79 3.29
CA ASP B 169 -6.55 -3.90 4.18
C ASP B 169 -6.01 -2.49 4.25
N GLU B 170 -5.08 -2.09 3.37
CA GLU B 170 -4.55 -0.73 3.46
C GLU B 170 -5.05 0.18 2.32
N SER B 171 -5.80 1.22 2.71
CA SER B 171 -6.31 2.20 1.75
C SER B 171 -6.87 1.40 0.58
N VAL B 172 -7.78 0.49 0.89
CA VAL B 172 -8.34 -0.48 -0.05
C VAL B 172 -8.95 0.22 -1.24
N LEU B 173 -9.86 1.18 -0.98
CA LEU B 173 -10.59 1.84 -2.09
C LEU B 173 -9.75 2.80 -2.87
N GLU B 174 -8.86 3.51 -2.18
CA GLU B 174 -8.08 4.53 -2.80
C GLU B 174 -7.07 3.93 -3.78
N ASN B 175 -6.47 2.83 -3.37
CA ASN B 175 -5.55 2.08 -4.20
C ASN B 175 -6.30 1.60 -5.48
N HIS B 176 -7.55 1.12 -5.29
CA HIS B 176 -8.40 0.69 -6.40
C HIS B 176 -8.81 1.80 -7.33
N HIS B 177 -9.14 2.98 -6.82
CA HIS B 177 -9.53 4.11 -7.71
C HIS B 177 -8.36 4.45 -8.63
N LEU B 178 -7.16 4.36 -8.08
CA LEU B 178 -5.97 4.66 -8.82
C LEU B 178 -5.68 3.60 -9.85
N ALA B 179 -5.88 2.32 -9.50
CA ALA B 179 -5.62 1.22 -10.43
C ALA B 179 -6.56 1.34 -11.63
N VAL B 180 -7.86 1.46 -11.33
CA VAL B 180 -8.86 1.63 -12.38
C VAL B 180 -8.53 2.89 -13.23
N GLY B 181 -8.15 3.98 -12.57
CA GLY B 181 -7.89 5.24 -13.26
C GLY B 181 -6.77 5.14 -14.27
N PHE B 182 -5.67 4.51 -13.88
CA PHE B 182 -4.51 4.30 -14.72
C PHE B 182 -4.68 3.13 -15.70
N LYS B 183 -5.51 2.16 -15.38
CA LYS B 183 -5.70 1.06 -16.31
C LYS B 183 -6.38 1.54 -17.59
N LEU B 184 -7.26 2.52 -17.49
CA LEU B 184 -7.92 3.09 -18.67
C LEU B 184 -7.04 3.94 -19.58
N LEU B 185 -5.79 4.23 -19.18
CA LEU B 185 -4.89 4.94 -20.07
C LEU B 185 -4.11 3.96 -20.98
N GLN B 186 -4.34 2.66 -20.80
CA GLN B 186 -3.53 1.66 -21.48
C GLN B 186 -4.04 1.18 -22.86
N GLU B 187 -4.74 2.05 -23.54
CA GLU B 187 -5.29 1.78 -24.83
C GLU B 187 -5.05 3.08 -25.60
N GLU B 188 -4.25 3.02 -26.67
CA GLU B 188 -3.87 4.21 -27.45
C GLU B 188 -4.97 5.26 -27.60
N HIS B 189 -6.15 4.85 -28.09
CA HIS B 189 -7.30 5.76 -28.29
C HIS B 189 -7.87 6.37 -26.96
N CYS B 190 -7.28 5.99 -25.84
CA CYS B 190 -7.64 6.54 -24.55
C CYS B 190 -6.44 7.18 -23.80
N ASP B 191 -5.19 7.05 -24.29
CA ASP B 191 -4.03 7.56 -23.55
C ASP B 191 -3.84 9.07 -23.67
N ILE B 192 -4.43 9.79 -22.72
CA ILE B 192 -4.31 11.24 -22.70
C ILE B 192 -2.92 11.77 -22.37
N PHE B 193 -2.05 10.94 -21.79
CA PHE B 193 -0.68 11.37 -21.46
C PHE B 193 0.40 10.90 -22.41
N MET B 194 -0.04 10.42 -23.57
CA MET B 194 0.82 9.85 -24.57
C MET B 194 1.93 10.77 -25.02
N ASN B 195 1.60 12.04 -25.22
CA ASN B 195 2.58 13.02 -25.69
C ASN B 195 3.45 13.70 -24.63
N LEU B 196 3.23 13.39 -23.36
CA LEU B 196 4.15 13.81 -22.31
C LEU B 196 5.46 13.02 -22.55
N THR B 197 6.61 13.48 -22.03
CA THR B 197 7.88 12.72 -22.12
C THR B 197 7.81 11.58 -21.10
N LYS B 198 8.74 10.62 -21.11
CA LYS B 198 8.72 9.53 -20.11
C LYS B 198 8.83 10.08 -18.67
N LYS B 199 9.65 11.13 -18.55
CA LYS B 199 9.93 11.82 -17.30
C LYS B 199 8.67 12.45 -16.72
N GLN B 200 7.90 13.14 -17.56
CA GLN B 200 6.65 13.74 -17.10
C GLN B 200 5.56 12.71 -16.73
N ARG B 201 5.52 11.56 -17.41
CA ARG B 201 4.53 10.55 -17.03
C ARG B 201 4.88 10.02 -15.66
N GLN B 202 6.17 9.81 -15.42
CA GLN B 202 6.70 9.24 -14.17
C GLN B 202 6.39 10.21 -13.01
N THR B 203 6.61 11.49 -13.26
CA THR B 203 6.34 12.48 -12.23
C THR B 203 4.83 12.66 -11.99
N LEU B 204 4.07 12.79 -13.08
CA LEU B 204 2.65 12.94 -12.95
C LEU B 204 2.08 11.75 -12.17
N ARG B 205 2.55 10.52 -12.46
CA ARG B 205 2.08 9.30 -11.80
C ARG B 205 2.30 9.29 -10.26
N LYS B 206 3.50 9.71 -9.86
CA LYS B 206 3.89 9.83 -8.46
C LYS B 206 2.92 10.80 -7.78
N MET B 207 2.75 11.95 -8.40
CA MET B 207 1.89 13.00 -7.86
C MET B 207 0.46 12.57 -7.73
N VAL B 208 -0.10 11.89 -8.75
CA VAL B 208 -1.48 11.47 -8.66
C VAL B 208 -1.73 10.37 -7.57
N ILE B 209 -0.85 9.37 -7.51
CA ILE B 209 -0.93 8.29 -6.54
C ILE B 209 -0.91 8.92 -5.17
N ASP B 210 0.07 9.81 -4.98
CA ASP B 210 0.19 10.53 -3.74
C ASP B 210 -1.10 11.34 -3.39
N MET B 211 -1.64 12.12 -4.34
CA MET B 211 -2.86 12.87 -4.03
C MET B 211 -4.09 12.01 -3.73
N VAL B 212 -4.28 10.93 -4.50
CA VAL B 212 -5.46 10.09 -4.31
C VAL B 212 -5.35 9.27 -3.05
N LEU B 213 -4.19 8.72 -2.74
CA LEU B 213 -4.01 8.01 -1.50
C LEU B 213 -4.29 8.97 -0.31
N ALA B 214 -4.05 10.28 -0.49
CA ALA B 214 -4.32 11.27 0.56
C ALA B 214 -5.82 11.55 0.77
N THR B 215 -6.69 11.09 -0.14
CA THR B 215 -8.12 11.22 0.12
C THR B 215 -8.62 10.16 1.09
N ASP B 216 -7.77 9.26 1.58
CA ASP B 216 -8.21 8.23 2.52
C ASP B 216 -8.43 8.88 3.90
N MET B 217 -9.66 8.85 4.35
CA MET B 217 -9.99 9.54 5.58
C MET B 217 -9.22 9.11 6.80
N SER B 218 -8.71 7.88 6.84
CA SER B 218 -7.88 7.45 7.98
C SER B 218 -6.53 8.18 8.02
N LYS B 219 -6.23 8.99 7.03
CA LYS B 219 -5.00 9.76 6.99
C LYS B 219 -5.22 11.26 7.27
N HIS B 220 -6.45 11.61 7.65
CA HIS B 220 -6.85 12.99 7.87
C HIS B 220 -6.11 13.65 9.03
N MET B 221 -5.97 12.97 10.16
CA MET B 221 -5.33 13.57 11.32
C MET B 221 -3.82 13.72 11.08
N SER B 222 -3.25 12.86 10.27
CA SER B 222 -1.84 12.97 9.96
C SER B 222 -1.57 14.12 8.99
N LEU B 223 -2.49 14.32 8.04
CA LEU B 223 -2.33 15.35 7.00
C LEU B 223 -2.52 16.78 7.57
N LEU B 224 -3.56 16.92 8.40
CA LEU B 224 -3.96 18.15 9.02
C LEU B 224 -2.87 18.60 9.93
N ALA B 225 -2.21 17.65 10.57
CA ALA B 225 -1.10 17.97 11.49
C ALA B 225 0.08 18.51 10.70
N ASP B 226 0.47 17.83 9.64
CA ASP B 226 1.56 18.30 8.78
C ASP B 226 1.19 19.61 8.05
N LEU B 227 -0.11 19.87 7.83
CA LEU B 227 -0.51 21.12 7.22
C LEU B 227 -0.45 22.26 8.24
N LYS B 228 -0.71 21.98 9.51
CA LYS B 228 -0.60 23.00 10.56
C LYS B 228 0.87 23.39 10.81
N THR B 229 1.80 22.50 10.42
CA THR B 229 3.24 22.75 10.52
C THR B 229 3.67 23.54 9.30
N MET B 230 3.06 23.27 8.16
CA MET B 230 3.33 24.02 6.95
C MET B 230 2.97 25.50 7.18
N VAL B 231 1.86 25.73 7.88
CA VAL B 231 1.35 27.08 8.16
C VAL B 231 2.25 27.82 9.14
N GLU B 232 2.70 27.16 10.19
CA GLU B 232 3.54 27.81 11.19
C GLU B 232 4.84 28.38 10.61
N THR B 233 5.41 27.72 9.59
CA THR B 233 6.68 28.18 8.98
C THR B 233 6.48 28.72 7.55
N LYS B 234 5.22 28.96 7.23
CA LYS B 234 4.81 29.50 5.94
C LYS B 234 5.53 30.79 5.67
N LYS B 235 5.98 30.95 4.43
CA LYS B 235 6.63 32.18 3.97
C LYS B 235 5.79 32.76 2.83
N VAL B 236 5.74 34.08 2.75
CA VAL B 236 5.01 34.77 1.69
C VAL B 236 5.97 35.85 1.15
N THR B 237 6.27 35.79 -0.15
CA THR B 237 7.17 36.74 -0.81
C THR B 237 6.53 38.12 -1.01
N SER B 238 7.34 39.11 -1.42
CA SER B 238 6.88 40.49 -1.57
C SER B 238 5.57 40.66 -2.37
N SER B 239 5.32 39.80 -3.33
CA SER B 239 4.13 39.88 -4.18
C SER B 239 2.81 39.32 -3.55
N GLY B 240 2.86 38.86 -2.29
CA GLY B 240 1.69 38.28 -1.65
C GLY B 240 1.45 36.83 -2.02
N VAL B 241 2.53 36.11 -2.35
CA VAL B 241 2.46 34.71 -2.77
C VAL B 241 3.35 33.81 -1.92
N LEU B 242 2.88 32.59 -1.66
CA LEU B 242 3.60 31.59 -0.90
C LEU B 242 4.84 31.04 -1.60
N LEU B 243 5.90 30.85 -0.82
CA LEU B 243 7.14 30.30 -1.34
C LEU B 243 7.27 28.82 -0.96
N LEU B 244 7.24 27.97 -1.98
CA LEU B 244 7.43 26.54 -1.81
C LEU B 244 8.79 26.10 -2.40
N ASP B 245 9.80 26.02 -1.53
CA ASP B 245 11.20 25.63 -1.85
C ASP B 245 11.30 24.57 -2.97
N ASN B 246 10.80 23.36 -2.73
CA ASN B 246 10.80 22.32 -3.77
C ASN B 246 9.62 21.33 -3.67
N TYR B 247 9.76 20.23 -4.39
CA TYR B 247 8.73 19.22 -4.53
C TYR B 247 8.08 18.77 -3.22
N THR B 248 8.84 18.61 -2.15
CA THR B 248 8.23 18.11 -0.93
C THR B 248 7.11 19.04 -0.49
N ASP B 249 7.39 20.34 -0.52
CA ASP B 249 6.42 21.35 -0.07
C ASP B 249 5.24 21.53 -1.02
N ARG B 250 5.49 21.51 -2.33
CA ARG B 250 4.43 21.68 -3.32
C ARG B 250 3.41 20.52 -3.28
N ILE B 251 3.90 19.28 -3.23
CA ILE B 251 3.01 18.12 -3.21
C ILE B 251 2.26 18.04 -1.89
N GLN B 252 2.78 18.66 -0.83
CA GLN B 252 2.08 18.68 0.45
C GLN B 252 0.84 19.54 0.33
N VAL B 253 1.01 20.72 -0.26
CA VAL B 253 -0.13 21.61 -0.45
C VAL B 253 -1.16 20.94 -1.37
N LEU B 254 -0.72 20.34 -2.47
CA LEU B 254 -1.59 19.59 -3.41
C LEU B 254 -2.36 18.42 -2.75
N ARG B 255 -1.70 17.63 -1.90
CA ARG B 255 -2.39 16.56 -1.19
C ARG B 255 -3.50 17.23 -0.38
N ASN B 256 -3.19 18.32 0.30
CA ASN B 256 -4.21 18.97 1.11
C ASN B 256 -5.25 19.69 0.27
N MET B 257 -4.86 20.17 -0.90
CA MET B 257 -5.81 20.90 -1.73
C MET B 257 -6.97 19.98 -2.13
N VAL B 258 -6.64 18.78 -2.58
CA VAL B 258 -7.62 17.82 -3.02
C VAL B 258 -8.38 17.17 -1.87
N HIS B 259 -7.74 17.10 -0.71
CA HIS B 259 -8.39 16.59 0.49
C HIS B 259 -9.52 17.58 0.91
N CYS B 260 -9.23 18.87 0.92
CA CYS B 260 -10.26 19.87 1.22
C CYS B 260 -11.37 19.87 0.16
N ALA B 261 -10.97 19.77 -1.10
CA ALA B 261 -11.91 19.72 -2.19
C ALA B 261 -12.89 18.56 -2.00
N ASP B 262 -12.37 17.41 -1.59
CA ASP B 262 -13.17 16.24 -1.29
C ASP B 262 -14.10 16.47 -0.05
N LEU B 263 -13.72 17.36 0.85
CA LEU B 263 -14.58 17.73 1.96
C LEU B 263 -15.12 19.18 1.81
N SER B 264 -15.42 19.61 0.57
CA SER B 264 -15.90 20.96 0.29
C SER B 264 -17.43 21.17 0.40
N ASN B 265 -18.18 20.10 0.66
CA ASN B 265 -19.64 20.13 0.67
C ASN B 265 -20.30 21.10 1.66
N PRO B 266 -19.89 21.13 2.92
CA PRO B 266 -20.46 22.09 3.88
C PRO B 266 -19.95 23.52 3.69
N THR B 267 -19.07 23.76 2.72
CA THR B 267 -18.59 25.13 2.48
C THR B 267 -19.29 25.78 1.31
N LYS B 268 -20.16 25.04 0.63
CA LYS B 268 -20.91 25.57 -0.48
C LYS B 268 -22.17 26.17 0.11
N SER B 269 -22.98 26.75 -0.76
CA SER B 269 -24.24 27.38 -0.36
C SER B 269 -25.18 26.40 0.36
N LEU B 270 -25.91 26.85 1.34
CA LEU B 270 -26.82 25.97 2.04
C LEU B 270 -27.68 25.08 1.09
N GLU B 271 -28.05 25.57 -0.08
CA GLU B 271 -28.89 24.80 -1.03
C GLU B 271 -28.13 23.60 -1.64
N LEU B 272 -26.88 23.76 -2.08
CA LEU B 272 -26.08 22.61 -2.55
C LEU B 272 -25.73 21.65 -1.40
N TYR B 273 -25.29 22.18 -0.27
CA TYR B 273 -24.92 21.37 0.86
C TYR B 273 -26.07 20.46 1.37
N ARG B 274 -27.31 20.94 1.36
CA ARG B 274 -28.43 20.09 1.83
C ARG B 274 -28.68 18.93 0.89
N GLN B 275 -28.36 19.13 -0.40
CA GLN B 275 -28.53 18.06 -1.39
C GLN B 275 -27.42 17.02 -1.29
N TRP B 276 -26.22 17.47 -0.98
CA TRP B 276 -25.07 16.60 -0.83
C TRP B 276 -25.26 15.76 0.44
N THR B 277 -25.77 16.41 1.48
CA THR B 277 -25.99 15.77 2.74
C THR B 277 -27.00 14.67 2.58
N ASP B 278 -28.10 14.92 1.87
CA ASP B 278 -29.08 13.87 1.67
C ASP B 278 -28.55 12.67 0.87
N ARG B 279 -27.59 12.92 -0.03
CA ARG B 279 -27.01 11.87 -0.83
C ARG B 279 -26.12 10.95 -0.01
N ILE B 280 -25.13 11.55 0.65
CA ILE B 280 -24.15 10.86 1.48
C ILE B 280 -24.86 10.07 2.59
N MET B 281 -25.83 10.69 3.23
CA MET B 281 -26.59 10.01 4.25
C MET B 281 -27.43 8.84 3.69
N GLU B 282 -27.78 8.91 2.41
CA GLU B 282 -28.52 7.81 1.79
C GLU B 282 -27.54 6.65 1.64
N GLU B 283 -26.33 6.95 1.15
CA GLU B 283 -25.31 5.93 1.04
C GLU B 283 -24.97 5.29 2.37
N PHE B 284 -24.67 6.09 3.40
CA PHE B 284 -24.32 5.58 4.72
C PHE B 284 -25.42 4.70 5.29
N PHE B 285 -26.68 5.09 5.15
CA PHE B 285 -27.82 4.30 5.69
C PHE B 285 -28.00 2.98 4.93
N GLN B 286 -27.60 3.01 3.65
CA GLN B 286 -27.66 1.86 2.77
C GLN B 286 -26.63 0.87 3.32
N GLN B 287 -25.46 1.39 3.70
CA GLN B 287 -24.41 0.55 4.26
C GLN B 287 -24.85 -0.07 5.60
N GLY B 288 -25.53 0.71 6.44
CA GLY B 288 -26.00 0.21 7.70
C GLY B 288 -26.99 -0.90 7.48
N ASP B 289 -27.79 -0.81 6.41
CA ASP B 289 -28.80 -1.84 6.13
C ASP B 289 -28.12 -3.15 5.74
N LYS B 290 -27.02 -3.06 4.96
CA LYS B 290 -26.23 -4.24 4.58
C LYS B 290 -25.63 -4.85 5.86
N GLU B 291 -24.90 -4.03 6.61
CA GLU B 291 -24.37 -4.41 7.93
C GLU B 291 -25.46 -5.12 8.75
N ARG B 292 -26.70 -4.63 8.69
CA ARG B 292 -27.82 -5.23 9.49
C ARG B 292 -28.25 -6.62 9.02
N GLU B 293 -28.28 -6.85 7.70
CA GLU B 293 -28.65 -8.14 7.12
C GLU B 293 -27.58 -9.19 7.39
N ARG B 294 -26.34 -8.77 7.67
CA ARG B 294 -25.26 -9.72 7.98
C ARG B 294 -25.07 -10.04 9.47
N GLY B 295 -25.64 -9.23 10.37
CA GLY B 295 -25.43 -9.40 11.79
C GLY B 295 -24.18 -8.66 12.31
N MET B 296 -23.62 -7.79 11.47
CA MET B 296 -22.46 -7.00 11.86
C MET B 296 -22.89 -5.90 12.81
N GLU B 297 -21.94 -5.28 13.51
CA GLU B 297 -22.27 -4.18 14.42
C GLU B 297 -22.44 -2.97 13.54
N ILE B 298 -23.49 -2.20 13.80
CA ILE B 298 -23.79 -1.01 12.98
C ILE B 298 -23.12 0.18 13.64
N SER B 299 -22.42 0.96 12.85
CA SER B 299 -21.79 2.17 13.36
C SER B 299 -22.90 3.23 13.68
N PRO B 300 -22.89 3.80 14.88
CA PRO B 300 -23.89 4.81 15.31
C PRO B 300 -24.46 5.85 14.32
N MET B 301 -23.86 6.03 13.14
CA MET B 301 -24.31 7.02 12.15
C MET B 301 -24.88 6.48 10.85
N CYS B 302 -24.61 5.22 10.55
CA CYS B 302 -25.17 4.56 9.41
C CYS B 302 -26.49 3.89 9.86
N ASP B 303 -26.88 4.09 11.11
CA ASP B 303 -28.05 3.42 11.66
C ASP B 303 -29.32 4.25 11.48
N LYS B 304 -29.97 4.10 10.33
CA LYS B 304 -31.17 4.86 10.02
C LYS B 304 -32.28 4.96 11.11
N HIS B 305 -32.52 3.92 11.92
CA HIS B 305 -33.56 3.99 12.99
C HIS B 305 -33.22 4.92 14.19
N THR B 306 -31.98 5.38 14.27
CA THR B 306 -31.51 6.16 15.41
C THR B 306 -30.76 7.43 15.06
N ALA B 307 -29.88 7.33 14.08
CA ALA B 307 -28.99 8.43 13.73
C ALA B 307 -29.68 9.74 13.37
N SER B 308 -29.31 10.80 14.07
CA SER B 308 -29.78 12.12 13.73
C SER B 308 -28.85 12.68 12.63
N VAL B 309 -29.40 12.90 11.44
CA VAL B 309 -28.63 13.47 10.29
C VAL B 309 -28.06 14.83 10.72
N GLU B 310 -28.93 15.67 11.22
CA GLU B 310 -28.61 17.01 11.69
C GLU B 310 -27.43 17.02 12.68
N LYS B 311 -27.54 16.27 13.78
CA LYS B 311 -26.44 16.17 14.77
C LYS B 311 -25.13 15.61 14.20
N SER B 312 -25.22 14.71 13.24
CA SER B 312 -24.03 14.09 12.67
C SER B 312 -23.31 15.05 11.70
N GLN B 313 -24.06 15.93 11.03
CA GLN B 313 -23.49 17.00 10.18
C GLN B 313 -22.77 18.00 11.11
N VAL B 314 -23.40 18.37 12.23
CA VAL B 314 -22.78 19.33 13.15
C VAL B 314 -21.49 18.80 13.78
N GLY B 315 -21.44 17.48 14.06
CA GLY B 315 -20.25 16.85 14.60
C GLY B 315 -19.19 16.62 13.51
N PHE B 316 -19.66 16.44 12.28
CA PHE B 316 -18.76 16.28 11.15
C PHE B 316 -18.00 17.59 10.93
N ILE B 317 -18.73 18.70 10.92
CA ILE B 317 -18.11 20.01 10.72
C ILE B 317 -17.22 20.39 11.90
N ASP B 318 -17.72 20.31 13.11
CA ASP B 318 -16.91 20.71 14.27
C ASP B 318 -15.61 19.92 14.43
N TYR B 319 -15.68 18.59 14.38
CA TYR B 319 -14.50 17.76 14.62
C TYR B 319 -13.66 17.45 13.36
N ILE B 320 -14.13 17.74 12.16
CA ILE B 320 -13.32 17.44 10.97
C ILE B 320 -13.21 18.48 9.87
N VAL B 321 -14.34 19.00 9.38
CA VAL B 321 -14.29 19.96 8.23
C VAL B 321 -13.80 21.37 8.60
N HIS B 322 -14.24 21.89 9.75
CA HIS B 322 -13.81 23.21 10.19
C HIS B 322 -12.33 23.25 10.55
N PRO B 323 -11.80 22.33 11.35
CA PRO B 323 -10.35 22.33 11.59
C PRO B 323 -9.52 22.25 10.31
N LEU B 324 -9.95 21.47 9.32
CA LEU B 324 -9.19 21.34 8.09
C LEU B 324 -9.20 22.67 7.36
N TRP B 325 -10.40 23.20 7.13
CA TRP B 325 -10.57 24.44 6.37
C TRP B 325 -10.07 25.69 7.10
N GLU B 326 -10.16 25.72 8.41
CA GLU B 326 -9.62 26.86 9.14
C GLU B 326 -8.11 26.91 8.88
N THR B 327 -7.46 25.74 8.84
CA THR B 327 -6.04 25.64 8.55
C THR B 327 -5.72 26.00 7.12
N TRP B 328 -6.55 25.57 6.20
CA TRP B 328 -6.34 25.93 4.80
C TRP B 328 -6.47 27.44 4.66
N ALA B 329 -7.44 28.04 5.36
CA ALA B 329 -7.66 29.49 5.31
C ALA B 329 -6.44 30.27 5.78
N ASP B 330 -5.75 29.74 6.79
CA ASP B 330 -4.54 30.36 7.34
C ASP B 330 -3.42 30.34 6.29
N LEU B 331 -3.24 29.21 5.63
CA LEU B 331 -2.22 29.10 4.58
C LEU B 331 -2.46 30.09 3.43
N VAL B 332 -3.73 30.32 3.09
CA VAL B 332 -4.09 31.19 1.98
C VAL B 332 -4.74 32.53 2.39
N GLN B 333 -4.45 33.00 3.60
CA GLN B 333 -4.99 34.28 4.09
C GLN B 333 -4.92 35.36 2.97
N PRO B 334 -6.00 36.09 2.65
CA PRO B 334 -7.37 35.95 3.21
C PRO B 334 -8.39 35.34 2.22
N ASP B 335 -7.89 34.62 1.22
CA ASP B 335 -8.70 34.13 0.11
C ASP B 335 -9.79 33.15 0.47
N ALA B 336 -9.72 32.50 1.62
CA ALA B 336 -10.70 31.48 1.98
C ALA B 336 -11.63 31.91 3.12
N GLN B 337 -11.69 33.22 3.39
CA GLN B 337 -12.56 33.73 4.44
C GLN B 337 -14.02 33.52 4.07
N ASP B 338 -14.40 33.87 2.84
CA ASP B 338 -15.78 33.71 2.36
C ASP B 338 -16.24 32.26 2.57
N ILE B 339 -15.32 31.33 2.38
CA ILE B 339 -15.61 29.89 2.53
C ILE B 339 -15.80 29.57 4.02
N LEU B 340 -15.01 30.17 4.89
CA LEU B 340 -15.15 29.90 6.32
C LEU B 340 -16.47 30.44 6.89
N ASP B 341 -16.90 31.61 6.40
CA ASP B 341 -18.16 32.25 6.84
C ASP B 341 -19.36 31.39 6.44
N THR B 342 -19.30 30.80 5.25
CA THR B 342 -20.38 29.95 4.79
C THR B 342 -20.44 28.68 5.61
N LEU B 343 -19.28 28.13 5.93
CA LEU B 343 -19.19 26.92 6.75
C LEU B 343 -19.92 27.12 8.05
N GLU B 344 -19.54 28.17 8.75
CA GLU B 344 -20.09 28.50 10.07
C GLU B 344 -21.57 28.87 10.08
N ASP B 345 -22.11 29.25 8.92
CA ASP B 345 -23.55 29.56 8.76
C ASP B 345 -24.31 28.25 8.50
N ASN B 346 -23.71 27.35 7.73
CA ASN B 346 -24.30 26.05 7.43
C ASN B 346 -24.31 25.19 8.72
N ARG B 347 -23.22 25.25 9.50
CA ARG B 347 -23.18 24.51 10.76
C ARG B 347 -24.27 25.05 11.66
N ASN B 348 -24.37 26.37 11.73
CA ASN B 348 -25.36 27.01 12.57
C ASN B 348 -26.75 26.70 12.08
N TRP B 349 -26.92 26.49 10.80
CA TRP B 349 -28.24 26.16 10.30
C TRP B 349 -28.62 24.78 10.78
N TYR B 350 -27.74 23.80 10.53
CA TYR B 350 -27.94 22.41 10.93
C TYR B 350 -28.16 22.28 12.43
N GLN B 351 -27.43 23.07 13.22
CA GLN B 351 -27.60 23.07 14.69
C GLN B 351 -29.01 23.52 15.07
N SER B 352 -29.58 24.51 14.37
CA SER B 352 -30.96 24.97 14.63
C SER B 352 -32.07 23.98 14.21
N MET B 353 -31.73 22.92 13.48
CA MET B 353 -32.71 21.90 13.04
C MET B 353 -32.93 20.74 14.02
N ILE B 354 -32.27 20.77 15.17
CA ILE B 354 -32.46 19.77 16.22
C ILE B 354 -33.10 20.41 17.44
N PRO B 355 -34.16 19.80 17.95
CA PRO B 355 -34.76 20.28 19.20
C PRO B 355 -33.85 20.02 20.40
ZN ZN C . 12.43 -14.13 -0.04
MG MG D . 10.68 -11.23 -1.86
C1 VDN E . 15.18 -11.84 -2.43
C2 VDN E . 15.46 -10.50 -3.03
O3 VDN E . 16.85 -10.43 -3.24
C4 VDN E . 17.39 -9.18 -3.37
C5 VDN E . 16.71 -8.06 -3.87
C6 VDN E . 17.33 -6.80 -3.95
C7 VDN E . 18.65 -6.65 -3.52
C8 VDN E . 19.31 -7.77 -3.04
C9 VDN E . 18.69 -9.00 -2.98
S10 VDN E . 19.44 -5.25 -3.57
O11 VDN E . 18.66 -4.30 -2.79
O12 VDN E . 20.74 -5.43 -2.98
C13 VDN E . 21.02 -2.95 -9.31
N14 VDN E . 19.58 -4.88 -5.05
C15 VDN E . 20.22 -5.87 -5.91
C16 VDN E . 20.77 -5.14 -7.13
N17 VDN E . 19.71 -4.31 -7.71
C18 VDN E . 19.12 -3.32 -6.83
C19 VDN E . 18.50 -4.10 -5.66
C20 VDN E . 19.86 -3.93 -9.12
C21 VDN E . 19.51 -10.07 -2.39
N22 VDN E . 18.92 -11.28 -1.77
C23 VDN E . 19.71 -12.36 -1.62
C24 VDN E . 21.06 -12.32 -2.27
N25 VDN E . 21.54 -11.30 -2.94
N26 VDN E . 20.76 -10.18 -3.10
O27 VDN E . 19.39 -13.35 -1.00
C28 VDN E . 22.08 -13.27 -2.31
N29 VDN E . 23.11 -12.70 -3.05
C30 VDN E . 22.75 -11.44 -3.43
C31 VDN E . 22.10 -14.66 -1.72
C32 VDN E . 23.55 -10.44 -4.20
C33 VDN E . 23.67 -10.87 -5.64
C34 VDN E . 24.84 -10.18 -6.29
ZN ZN F . -14.41 11.70 -2.74
MG MG G . -12.86 8.36 -1.62
C1 VDN H . -15.00 10.08 1.29
C2 VDN H . -15.42 10.88 2.50
O3 VDN H . -16.56 10.29 3.15
C4 VDN H . -16.39 10.18 4.50
C5 VDN H . -15.65 9.12 5.03
C6 VDN H . -15.44 8.99 6.43
C7 VDN H . -15.96 9.95 7.30
C8 VDN H . -16.69 10.99 6.75
C9 VDN H . -16.93 11.11 5.38
S10 VDN H . -15.83 9.92 8.90
O11 VDN H . -14.45 10.16 9.33
O12 VDN H . -16.71 10.93 9.44
C13 VDN H . -19.09 5.28 11.79
N14 VDN H . -16.41 8.57 9.36
C15 VDN H . -17.65 8.14 8.68
C16 VDN H . -18.46 7.31 9.67
N17 VDN H . -17.58 6.25 10.12
C18 VDN H . -16.34 6.64 10.80
C19 VDN H . -15.50 7.54 9.88
C20 VDN H . -18.24 5.01 10.55
C21 VDN H . -17.68 12.35 5.06
N22 VDN H . -17.61 12.99 3.72
C23 VDN H . -18.51 13.91 3.37
C24 VDN H . -19.66 14.12 4.30
N25 VDN H . -19.83 13.50 5.45
N26 VDN H . -18.90 12.53 5.85
O27 VDN H . -18.46 14.55 2.34
C28 VDN H . -20.76 15.00 4.18
N29 VDN H . -21.51 14.81 5.30
C30 VDN H . -20.93 13.86 6.09
C31 VDN H . -21.11 15.96 3.06
C32 VDN H . -21.37 13.36 7.43
C33 VDN H . -22.57 12.45 7.33
C34 VDN H . -23.11 12.26 8.73
#